data_9PXO
#
_entry.id   9PXO
#
_cell.length_a   129.844
_cell.length_b   129.844
_cell.length_c   139.967
_cell.angle_alpha   90.000
_cell.angle_beta   90.000
_cell.angle_gamma   90.000
#
_symmetry.space_group_name_H-M   'P 4 21 2'
#
loop_
_entity.id
_entity.type
_entity.pdbx_description
1 polymer 'Protein fem-1 homolog B'
2 non-polymer '2-tert-butyl-1,3-dioxo-2,3-dihydro-1H-isoindole-5-carboxylic acid'
#
_entity_poly.entity_id   1
_entity_poly.type   'polypeptide(L)'
_entity_poly.pdbx_seq_one_letter_code
;GHMEGLAGYVYKAASEGKVLTLAALLLNRSESDIRYLLGYVSQQGGQRSTPLIIAARNGHAKVVRLLLEHYRVQTQQTGT
VRFDGYVIDGATALWCAAGAGHFEVVKLLVSHGANVNHTTVTNSTPLRAACFDGRLDIVKYLVENNANISIANKYDNTCL
MIAAYKGHTDVVRYLLEQRADPNAKAHCGATALHFAAEAGHIDIVKELIKWRAAIVVNGHGMTPLKVAAESCKADVVELL
LSHADCDRRSRIEALELLGASFANDRENYDIIKTYHYLYLAMLERFQDGDNILEKEVLPPIHAYGNRTECRNPQELESIR
QDRDALHMEGLIVRERILGGGGSGGGSKKRLLLGLDR
;
_entity_poly.pdbx_strand_id   A,B
#
loop_
_chem_comp.id
_chem_comp.type
_chem_comp.name
_chem_comp.formula
A1CMX non-polymer '2-tert-butyl-1,3-dioxo-2,3-dihydro-1H-isoindole-5-carboxylic acid' 'C13 H13 N O4'
#
# COMPACT_ATOMS: atom_id res chain seq x y z
N HIS A 2 -19.09 7.04 -53.95
CA HIS A 2 -18.43 7.10 -52.65
C HIS A 2 -19.01 6.07 -51.68
N MET A 3 -18.48 4.86 -51.71
CA MET A 3 -18.91 3.79 -50.81
C MET A 3 -18.20 3.82 -49.46
N GLU A 4 -17.34 4.81 -49.21
CA GLU A 4 -16.56 4.80 -47.97
C GLU A 4 -17.46 5.01 -46.76
N GLY A 5 -18.11 6.17 -46.67
CA GLY A 5 -19.01 6.41 -45.56
C GLY A 5 -20.21 5.48 -45.51
N LEU A 6 -20.56 4.83 -46.62
CA LEU A 6 -21.70 3.92 -46.58
C LEU A 6 -21.36 2.65 -45.83
N ALA A 7 -20.10 2.20 -45.91
CA ALA A 7 -19.65 1.12 -45.05
C ALA A 7 -19.58 1.54 -43.59
N GLY A 8 -19.51 2.84 -43.32
CA GLY A 8 -19.54 3.30 -41.95
C GLY A 8 -20.91 3.17 -41.33
N TYR A 9 -21.95 3.52 -42.09
CA TYR A 9 -23.32 3.31 -41.63
C TYR A 9 -23.57 1.85 -41.29
N VAL A 10 -22.99 0.94 -42.08
CA VAL A 10 -23.00 -0.47 -41.73
C VAL A 10 -22.27 -0.72 -40.41
N TYR A 11 -21.11 -0.07 -40.24
CA TYR A 11 -20.36 -0.28 -39.00
C TYR A 11 -21.12 0.23 -37.79
N LYS A 12 -21.67 1.44 -37.89
CA LYS A 12 -22.50 1.97 -36.81
C LYS A 12 -23.63 1.00 -36.49
N ALA A 13 -24.45 0.67 -37.49
CA ALA A 13 -25.60 -0.20 -37.26
C ALA A 13 -25.19 -1.54 -36.62
N ALA A 14 -24.00 -2.06 -36.96
CA ALA A 14 -23.53 -3.29 -36.32
C ALA A 14 -23.18 -3.07 -34.86
N SER A 15 -22.43 -1.99 -34.58
CA SER A 15 -22.10 -1.64 -33.20
C SER A 15 -23.32 -1.26 -32.40
N GLU A 16 -24.27 -0.55 -33.02
CA GLU A 16 -25.47 -0.11 -32.32
C GLU A 16 -26.38 -1.27 -31.93
N GLY A 17 -26.14 -2.47 -32.47
CA GLY A 17 -27.02 -3.59 -32.21
C GLY A 17 -28.31 -3.56 -33.00
N LYS A 18 -28.59 -2.46 -33.69
CA LYS A 18 -29.81 -2.35 -34.49
C LYS A 18 -29.71 -3.31 -35.67
N VAL A 19 -30.27 -4.51 -35.52
CA VAL A 19 -30.11 -5.52 -36.56
C VAL A 19 -30.88 -5.13 -37.82
N LEU A 20 -32.08 -4.57 -37.65
CA LEU A 20 -32.91 -4.19 -38.80
C LEU A 20 -32.26 -3.08 -39.61
N THR A 21 -31.75 -2.04 -38.94
CA THR A 21 -30.96 -1.02 -39.63
C THR A 21 -29.82 -1.66 -40.41
N LEU A 22 -29.15 -2.64 -39.81
CA LEU A 22 -28.09 -3.36 -40.52
C LEU A 22 -28.65 -4.26 -41.60
N ALA A 23 -29.67 -5.06 -41.27
CA ALA A 23 -30.25 -5.97 -42.25
C ALA A 23 -30.64 -5.20 -43.52
N ALA A 24 -31.28 -4.04 -43.35
CA ALA A 24 -31.76 -3.28 -44.50
C ALA A 24 -30.62 -2.65 -45.30
N LEU A 25 -29.46 -2.40 -44.67
CA LEU A 25 -28.37 -1.75 -45.40
C LEU A 25 -27.76 -2.69 -46.43
N LEU A 26 -27.69 -3.99 -46.12
CA LEU A 26 -26.97 -4.93 -46.96
C LEU A 26 -27.91 -5.74 -47.85
N LEU A 27 -29.04 -5.17 -48.24
CA LEU A 27 -30.02 -5.93 -49.02
C LEU A 27 -29.75 -5.84 -50.51
N ASN A 28 -30.26 -4.80 -51.17
CA ASN A 28 -30.15 -4.74 -52.62
C ASN A 28 -28.70 -4.44 -53.03
N ARG A 29 -27.76 -5.14 -52.42
CA ARG A 29 -26.33 -5.03 -52.69
C ARG A 29 -25.81 -6.34 -53.26
N SER A 30 -24.96 -6.23 -54.27
CA SER A 30 -24.32 -7.40 -54.85
C SER A 30 -23.21 -7.93 -53.95
N GLU A 31 -22.75 -9.15 -54.28
CA GLU A 31 -21.68 -9.78 -53.50
C GLU A 31 -20.35 -9.05 -53.62
N SER A 32 -20.10 -8.34 -54.73
CA SER A 32 -18.97 -7.42 -54.76
C SER A 32 -19.06 -6.42 -53.60
N ASP A 33 -20.21 -5.75 -53.47
CA ASP A 33 -20.41 -4.77 -52.42
C ASP A 33 -20.39 -5.41 -51.03
N ILE A 34 -21.29 -6.37 -50.78
CA ILE A 34 -21.51 -6.85 -49.41
C ILE A 34 -20.23 -7.35 -48.78
N ARG A 35 -19.33 -7.94 -49.57
CA ARG A 35 -18.10 -8.48 -49.00
C ARG A 35 -17.18 -7.36 -48.53
N TYR A 36 -17.17 -6.23 -49.25
CA TYR A 36 -16.37 -5.08 -48.86
C TYR A 36 -16.86 -4.47 -47.55
N LEU A 37 -18.16 -4.13 -47.49
CA LEU A 37 -18.73 -3.46 -46.33
C LEU A 37 -18.55 -4.28 -45.05
N LEU A 38 -18.63 -5.60 -45.14
CA LEU A 38 -18.54 -6.46 -43.96
C LEU A 38 -17.10 -6.81 -43.57
N GLY A 39 -16.14 -6.58 -44.45
CA GLY A 39 -14.74 -6.77 -44.11
C GLY A 39 -13.97 -5.48 -43.97
N TYR A 40 -14.66 -4.34 -43.96
CA TYR A 40 -14.00 -3.04 -43.86
C TYR A 40 -13.52 -2.80 -42.43
N VAL A 41 -12.24 -2.41 -42.31
CA VAL A 41 -11.62 -2.08 -41.03
C VAL A 41 -11.84 -0.59 -40.74
N SER A 42 -12.60 -0.29 -39.68
CA SER A 42 -12.99 1.07 -39.35
C SER A 42 -12.32 1.54 -38.06
N GLN A 43 -11.89 2.81 -38.05
CA GLN A 43 -11.25 3.42 -36.89
C GLN A 43 -12.27 4.21 -36.08
N GLN A 44 -12.66 3.67 -34.92
CA GLN A 44 -13.51 4.38 -33.97
C GLN A 44 -12.62 5.12 -32.97
N GLY A 45 -12.09 6.26 -33.40
CA GLY A 45 -11.17 6.99 -32.57
C GLY A 45 -9.88 6.25 -32.31
N GLY A 46 -9.91 5.29 -31.38
CA GLY A 46 -8.74 4.50 -31.05
C GLY A 46 -9.06 3.01 -31.04
N GLN A 47 -9.83 2.57 -32.04
CA GLN A 47 -10.32 1.20 -32.11
C GLN A 47 -10.59 0.83 -33.56
N ARG A 48 -9.82 -0.11 -34.11
CA ARG A 48 -9.99 -0.56 -35.48
C ARG A 48 -10.63 -1.94 -35.49
N SER A 49 -11.82 -2.05 -36.06
CA SER A 49 -12.55 -3.30 -36.06
C SER A 49 -13.40 -3.39 -37.31
N THR A 50 -14.15 -4.49 -37.42
CA THR A 50 -15.05 -4.81 -38.51
C THR A 50 -16.46 -4.97 -37.95
N PRO A 51 -17.50 -4.81 -38.78
CA PRO A 51 -18.88 -4.95 -38.28
C PRO A 51 -19.11 -6.21 -37.46
N LEU A 52 -18.54 -7.34 -37.89
CA LEU A 52 -18.61 -8.56 -37.09
C LEU A 52 -17.96 -8.37 -35.72
N ILE A 53 -16.73 -7.85 -35.71
CA ILE A 53 -15.97 -7.72 -34.46
C ILE A 53 -16.70 -6.84 -33.46
N ILE A 54 -17.05 -5.61 -33.86
CA ILE A 54 -17.68 -4.66 -32.94
C ILE A 54 -19.00 -5.21 -32.40
N ALA A 55 -19.80 -5.89 -33.23
CA ALA A 55 -21.07 -6.44 -32.77
C ALA A 55 -20.85 -7.54 -31.74
N ALA A 56 -19.81 -8.35 -31.93
CA ALA A 56 -19.48 -9.38 -30.94
C ALA A 56 -18.85 -8.75 -29.71
N ARG A 57 -18.15 -7.62 -29.90
CA ARG A 57 -17.52 -6.94 -28.78
C ARG A 57 -18.56 -6.28 -27.88
N ASN A 58 -19.73 -5.91 -28.43
CA ASN A 58 -20.81 -5.25 -27.71
C ASN A 58 -21.95 -6.20 -27.31
N GLY A 59 -21.75 -7.51 -27.41
CA GLY A 59 -22.77 -8.47 -26.98
C GLY A 59 -24.04 -8.52 -27.82
N HIS A 60 -23.99 -8.00 -29.04
CA HIS A 60 -25.12 -7.97 -29.95
C HIS A 60 -25.28 -9.33 -30.63
N ALA A 61 -25.99 -10.24 -29.95
CA ALA A 61 -26.20 -11.60 -30.47
C ALA A 61 -26.94 -11.57 -31.80
N LYS A 62 -28.04 -10.83 -31.87
CA LYS A 62 -28.85 -10.78 -33.08
C LYS A 62 -28.01 -10.35 -34.27
N VAL A 63 -27.20 -9.31 -34.08
CA VAL A 63 -26.35 -8.83 -35.17
C VAL A 63 -25.26 -9.84 -35.50
N VAL A 64 -24.75 -10.55 -34.49
CA VAL A 64 -23.71 -11.55 -34.74
C VAL A 64 -24.31 -12.76 -35.43
N ARG A 65 -25.58 -13.07 -35.14
CA ARG A 65 -26.24 -14.18 -35.83
C ARG A 65 -26.39 -13.89 -37.31
N LEU A 66 -26.92 -12.71 -37.66
CA LEU A 66 -27.23 -12.38 -39.04
C LEU A 66 -25.99 -12.36 -39.93
N LEU A 67 -24.85 -11.92 -39.40
CA LEU A 67 -23.64 -11.82 -40.22
C LEU A 67 -23.10 -13.19 -40.58
N LEU A 68 -23.25 -14.15 -39.67
CA LEU A 68 -22.67 -15.48 -39.88
C LEU A 68 -23.57 -16.36 -40.75
N GLU A 69 -24.88 -16.26 -40.57
CA GLU A 69 -25.79 -17.18 -41.24
C GLU A 69 -26.10 -16.71 -42.66
N HIS A 70 -26.97 -15.71 -42.80
CA HIS A 70 -27.27 -15.17 -44.13
C HIS A 70 -26.00 -14.72 -44.85
N TYR A 71 -25.18 -13.89 -44.20
CA TYR A 71 -24.12 -13.18 -44.91
C TYR A 71 -22.76 -13.86 -44.90
N ARG A 72 -22.56 -14.88 -44.06
CA ARG A 72 -21.40 -15.77 -44.13
C ARG A 72 -20.08 -14.98 -44.14
N VAL A 73 -19.84 -14.27 -43.03
CA VAL A 73 -18.64 -13.46 -42.88
C VAL A 73 -17.62 -14.24 -42.08
N GLN A 74 -16.37 -14.20 -42.51
CA GLN A 74 -15.34 -15.02 -41.90
C GLN A 74 -15.07 -14.59 -40.47
N THR A 75 -14.79 -15.57 -39.61
CA THR A 75 -14.38 -15.34 -38.24
C THR A 75 -12.87 -15.21 -38.08
N GLN A 76 -12.10 -15.60 -39.11
CA GLN A 76 -10.67 -15.33 -39.10
C GLN A 76 -10.38 -13.86 -38.84
N GLN A 77 -11.35 -12.99 -39.09
CA GLN A 77 -11.10 -11.56 -39.19
C GLN A 77 -10.42 -11.04 -37.94
N THR A 78 -9.41 -10.21 -38.15
CA THR A 78 -8.56 -9.68 -37.10
C THR A 78 -8.84 -8.19 -36.94
N GLY A 79 -8.67 -7.70 -35.71
CA GLY A 79 -8.89 -6.30 -35.43
C GLY A 79 -8.12 -5.89 -34.18
N THR A 80 -8.25 -4.62 -33.83
CA THR A 80 -7.64 -4.09 -32.62
C THR A 80 -8.70 -3.33 -31.83
N VAL A 81 -8.98 -3.81 -30.62
CA VAL A 81 -10.09 -3.31 -29.84
C VAL A 81 -9.55 -2.73 -28.53
N ARG A 82 -10.32 -1.82 -27.97
CA ARG A 82 -9.99 -1.17 -26.73
C ARG A 82 -10.75 -1.88 -25.63
N PHE A 83 -10.05 -2.19 -24.53
CA PHE A 83 -10.60 -2.85 -23.36
C PHE A 83 -9.83 -2.32 -22.17
N ASP A 84 -10.50 -2.19 -21.03
CA ASP A 84 -9.84 -1.78 -19.79
C ASP A 84 -9.18 -0.41 -19.91
N GLY A 85 -9.34 0.27 -21.04
CA GLY A 85 -8.54 1.41 -21.40
C GLY A 85 -7.38 1.07 -22.31
N TYR A 86 -6.90 -0.17 -22.25
CA TYR A 86 -5.79 -0.64 -23.07
C TYR A 86 -6.25 -0.98 -24.48
N VAL A 87 -5.27 -1.05 -25.39
CA VAL A 87 -5.49 -1.40 -26.79
C VAL A 87 -4.87 -2.76 -27.03
N ILE A 88 -5.62 -3.66 -27.66
CA ILE A 88 -5.18 -5.00 -28.00
C ILE A 88 -5.26 -5.15 -29.50
N ASP A 89 -4.27 -5.83 -30.10
CA ASP A 89 -4.28 -6.09 -31.53
C ASP A 89 -4.27 -7.58 -31.80
N GLY A 90 -4.83 -7.96 -32.94
CA GLY A 90 -4.93 -9.37 -33.30
C GLY A 90 -6.18 -10.04 -32.81
N ALA A 91 -7.19 -9.28 -32.39
CA ALA A 91 -8.37 -9.86 -31.75
C ALA A 91 -9.38 -10.29 -32.81
N THR A 92 -9.82 -11.54 -32.71
CA THR A 92 -10.95 -12.00 -33.49
C THR A 92 -12.24 -11.54 -32.82
N ALA A 93 -13.34 -11.62 -33.57
CA ALA A 93 -14.67 -11.44 -32.99
C ALA A 93 -14.86 -12.33 -31.76
N LEU A 94 -14.28 -13.53 -31.79
CA LEU A 94 -14.28 -14.42 -30.64
C LEU A 94 -13.63 -13.78 -29.42
N TRP A 95 -12.39 -13.31 -29.58
CA TRP A 95 -11.61 -12.84 -28.43
C TRP A 95 -12.30 -11.69 -27.71
N CYS A 96 -12.77 -10.69 -28.46
CA CYS A 96 -13.55 -9.59 -27.88
C CYS A 96 -14.75 -10.11 -27.10
N ALA A 97 -15.41 -11.15 -27.61
CA ALA A 97 -16.59 -11.69 -26.96
C ALA A 97 -16.24 -12.43 -25.68
N ALA A 98 -15.08 -13.10 -25.65
CA ALA A 98 -14.64 -13.78 -24.44
C ALA A 98 -14.29 -12.78 -23.34
N GLY A 99 -13.47 -11.78 -23.67
CA GLY A 99 -13.07 -10.80 -22.67
C GLY A 99 -14.25 -10.00 -22.15
N ALA A 100 -15.21 -9.68 -23.02
CA ALA A 100 -16.38 -8.95 -22.60
C ALA A 100 -17.42 -9.80 -21.87
N GLY A 101 -17.27 -11.13 -21.89
CA GLY A 101 -18.20 -11.99 -21.19
C GLY A 101 -19.55 -12.10 -21.85
N HIS A 102 -19.58 -12.09 -23.18
CA HIS A 102 -20.83 -12.20 -23.93
C HIS A 102 -21.04 -13.67 -24.23
N PHE A 103 -21.69 -14.33 -23.26
CA PHE A 103 -21.80 -15.78 -23.23
C PHE A 103 -22.45 -16.34 -24.49
N GLU A 104 -23.64 -15.87 -24.84
CA GLU A 104 -24.34 -16.38 -26.02
C GLU A 104 -23.54 -16.11 -27.29
N VAL A 105 -22.88 -14.94 -27.38
CA VAL A 105 -22.12 -14.58 -28.57
C VAL A 105 -20.93 -15.53 -28.77
N VAL A 106 -20.26 -15.90 -27.68
CA VAL A 106 -19.15 -16.85 -27.78
C VAL A 106 -19.63 -18.17 -28.35
N LYS A 107 -20.74 -18.68 -27.81
CA LYS A 107 -21.33 -19.91 -28.31
C LYS A 107 -21.65 -19.79 -29.81
N LEU A 108 -22.29 -18.68 -30.20
CA LEU A 108 -22.52 -18.38 -31.62
C LEU A 108 -21.28 -18.54 -32.50
N LEU A 109 -20.14 -18.01 -32.06
CA LEU A 109 -18.97 -18.01 -32.94
C LEU A 109 -18.32 -19.40 -33.05
N VAL A 110 -18.15 -20.10 -31.92
CA VAL A 110 -17.60 -21.46 -32.03
C VAL A 110 -18.59 -22.37 -32.75
N SER A 111 -19.89 -22.15 -32.54
CA SER A 111 -20.91 -22.95 -33.20
C SER A 111 -20.80 -22.80 -34.71
N HIS A 112 -20.36 -21.64 -35.18
CA HIS A 112 -20.19 -21.36 -36.60
C HIS A 112 -18.73 -21.39 -37.03
N GLY A 113 -17.89 -22.09 -36.29
CA GLY A 113 -16.54 -22.41 -36.74
C GLY A 113 -15.52 -21.31 -36.51
N ALA A 114 -15.24 -20.97 -35.26
CA ALA A 114 -14.26 -19.95 -34.92
C ALA A 114 -13.09 -20.59 -34.19
N ASN A 115 -11.87 -20.16 -34.54
CA ASN A 115 -10.65 -20.70 -33.93
C ASN A 115 -10.60 -20.34 -32.44
N VAL A 116 -10.70 -21.36 -31.57
CA VAL A 116 -10.71 -21.14 -30.14
C VAL A 116 -9.32 -20.97 -29.54
N ASN A 117 -8.27 -21.33 -30.29
CA ASN A 117 -6.90 -21.13 -29.84
C ASN A 117 -6.18 -20.08 -30.66
N HIS A 118 -6.94 -19.17 -31.28
CA HIS A 118 -6.36 -18.02 -31.95
C HIS A 118 -5.51 -17.21 -30.97
N THR A 119 -4.41 -16.68 -31.48
CA THR A 119 -3.45 -15.97 -30.66
C THR A 119 -3.47 -14.51 -31.07
N THR A 120 -3.70 -13.63 -30.10
CA THR A 120 -3.54 -12.21 -30.35
C THR A 120 -2.05 -11.92 -30.60
N VAL A 121 -1.71 -10.66 -30.89
CA VAL A 121 -0.30 -10.34 -31.11
C VAL A 121 0.54 -10.73 -29.90
N THR A 122 -0.03 -10.61 -28.70
CA THR A 122 0.64 -10.97 -27.46
C THR A 122 0.45 -12.43 -27.10
N ASN A 123 -0.14 -13.23 -28.00
CA ASN A 123 -0.37 -14.66 -27.81
C ASN A 123 -1.33 -14.91 -26.65
N SER A 124 -2.43 -14.18 -26.64
CA SER A 124 -3.47 -14.35 -25.63
C SER A 124 -4.63 -15.09 -26.30
N THR A 125 -4.77 -16.37 -25.98
CA THR A 125 -5.94 -17.11 -26.40
C THR A 125 -7.21 -16.44 -25.90
N PRO A 126 -8.32 -16.57 -26.62
CA PRO A 126 -9.61 -16.13 -26.07
C PRO A 126 -9.91 -16.75 -24.71
N LEU A 127 -9.36 -17.94 -24.45
CA LEU A 127 -9.48 -18.57 -23.14
C LEU A 127 -8.78 -17.75 -22.05
N ARG A 128 -7.60 -17.20 -22.36
CA ARG A 128 -6.92 -16.28 -21.45
C ARG A 128 -7.80 -15.08 -21.12
N ALA A 129 -8.41 -14.48 -22.14
CA ALA A 129 -9.33 -13.35 -21.92
C ALA A 129 -10.40 -13.70 -20.89
N ALA A 130 -11.08 -14.83 -21.10
CA ALA A 130 -12.12 -15.25 -20.16
C ALA A 130 -11.55 -15.53 -18.77
N CYS A 131 -10.29 -15.96 -18.69
CA CYS A 131 -9.69 -16.21 -17.39
C CYS A 131 -9.26 -14.92 -16.70
N PHE A 132 -9.06 -13.84 -17.46
CA PHE A 132 -8.93 -12.52 -16.86
C PHE A 132 -10.26 -12.02 -16.33
N ASP A 133 -11.31 -12.13 -17.16
CA ASP A 133 -12.63 -11.65 -16.79
C ASP A 133 -13.32 -12.58 -15.80
N GLY A 134 -12.97 -13.86 -15.81
CA GLY A 134 -13.43 -14.79 -14.80
C GLY A 134 -14.83 -15.30 -15.04
N ARG A 135 -15.19 -15.51 -16.31
CA ARG A 135 -16.51 -16.04 -16.67
C ARG A 135 -16.36 -17.55 -16.78
N LEU A 136 -16.65 -18.25 -15.70
CA LEU A 136 -16.52 -19.70 -15.67
C LEU A 136 -17.34 -20.35 -16.78
N ASP A 137 -18.55 -19.83 -17.05
CA ASP A 137 -19.38 -20.33 -18.14
C ASP A 137 -18.58 -20.41 -19.44
N ILE A 138 -17.89 -19.32 -19.77
CA ILE A 138 -17.12 -19.26 -21.00
C ILE A 138 -15.96 -20.25 -20.94
N VAL A 139 -15.22 -20.22 -19.82
CA VAL A 139 -14.04 -21.05 -19.67
C VAL A 139 -14.40 -22.53 -19.79
N LYS A 140 -15.42 -22.98 -19.06
CA LYS A 140 -15.89 -24.35 -19.22
C LYS A 140 -16.27 -24.65 -20.66
N TYR A 141 -16.92 -23.69 -21.32
CA TYR A 141 -17.31 -23.86 -22.71
C TYR A 141 -16.11 -23.87 -23.66
N LEU A 142 -15.15 -22.95 -23.49
CA LEU A 142 -14.00 -22.94 -24.39
C LEU A 142 -13.19 -24.23 -24.25
N VAL A 143 -12.92 -24.65 -23.02
CA VAL A 143 -12.21 -25.91 -22.81
C VAL A 143 -12.97 -27.08 -23.42
N GLU A 144 -14.29 -27.10 -23.26
CA GLU A 144 -15.12 -28.15 -23.86
C GLU A 144 -15.08 -28.12 -25.38
N ASN A 145 -14.55 -27.06 -26.00
CA ASN A 145 -14.38 -26.98 -27.44
C ASN A 145 -12.91 -26.90 -27.81
N ASN A 146 -12.09 -27.67 -27.09
CA ASN A 146 -10.69 -27.95 -27.37
C ASN A 146 -9.78 -26.73 -27.31
N ALA A 147 -10.21 -25.64 -26.66
CA ALA A 147 -9.27 -24.55 -26.42
C ALA A 147 -8.17 -25.01 -25.49
N ASN A 148 -6.93 -24.87 -25.93
CA ASN A 148 -5.79 -25.44 -25.20
C ASN A 148 -5.39 -24.50 -24.07
N ILE A 149 -5.40 -25.01 -22.83
CA ILE A 149 -5.03 -24.21 -21.67
C ILE A 149 -3.52 -24.00 -21.55
N SER A 150 -2.71 -24.74 -22.31
CA SER A 150 -1.27 -24.58 -22.23
C SER A 150 -0.79 -23.38 -23.03
N ILE A 151 -1.62 -22.85 -23.92
CA ILE A 151 -1.26 -21.66 -24.66
C ILE A 151 -1.13 -20.51 -23.68
N ALA A 152 0.01 -19.84 -23.70
CA ALA A 152 0.29 -18.74 -22.79
C ALA A 152 0.57 -17.48 -23.58
N ASN A 153 0.60 -16.36 -22.84
CA ASN A 153 0.80 -15.04 -23.43
C ASN A 153 2.27 -14.87 -23.87
N LYS A 154 2.62 -13.65 -24.29
CA LYS A 154 3.98 -13.42 -24.80
C LYS A 154 5.05 -13.68 -23.74
N TYR A 155 4.70 -13.61 -22.46
CA TYR A 155 5.68 -13.67 -21.39
C TYR A 155 5.57 -14.95 -20.57
N ASP A 156 4.92 -15.97 -21.12
CA ASP A 156 4.73 -17.27 -20.48
C ASP A 156 3.83 -17.16 -19.26
N ASN A 157 2.86 -16.25 -19.32
CA ASN A 157 1.84 -16.11 -18.29
C ASN A 157 0.64 -16.97 -18.67
N THR A 158 0.36 -17.98 -17.88
CA THR A 158 -0.68 -18.95 -18.21
C THR A 158 -2.05 -18.48 -17.76
N CYS A 159 -3.08 -19.08 -18.36
CA CYS A 159 -4.45 -18.81 -17.93
C CYS A 159 -4.63 -19.16 -16.45
N LEU A 160 -3.89 -20.16 -15.95
CA LEU A 160 -3.93 -20.45 -14.53
C LEU A 160 -3.36 -19.30 -13.69
N MET A 161 -2.28 -18.69 -14.15
CA MET A 161 -1.68 -17.59 -13.38
C MET A 161 -2.60 -16.37 -13.33
N ILE A 162 -2.97 -15.83 -14.50
CA ILE A 162 -3.83 -14.65 -14.58
C ILE A 162 -5.10 -14.85 -13.77
N ALA A 163 -5.58 -16.09 -13.67
CA ALA A 163 -6.74 -16.38 -12.85
C ALA A 163 -6.39 -16.32 -11.37
N ALA A 164 -5.29 -16.98 -10.99
CA ALA A 164 -4.82 -16.90 -9.61
C ALA A 164 -4.48 -15.47 -9.20
N TYR A 165 -4.12 -14.62 -10.16
CA TYR A 165 -3.96 -13.20 -9.86
C TYR A 165 -5.31 -12.55 -9.59
N LYS A 166 -6.23 -12.66 -10.53
CA LYS A 166 -7.52 -11.97 -10.48
C LYS A 166 -8.50 -12.57 -9.43
N GLY A 167 -8.10 -13.53 -8.60
CA GLY A 167 -8.94 -14.02 -7.53
C GLY A 167 -10.05 -14.97 -7.92
N HIS A 168 -10.13 -15.37 -9.19
CA HIS A 168 -11.22 -16.20 -9.72
C HIS A 168 -11.04 -17.64 -9.24
N THR A 169 -11.37 -17.85 -7.95
CA THR A 169 -11.16 -19.16 -7.33
C THR A 169 -11.88 -20.28 -8.06
N ASP A 170 -13.14 -20.06 -8.46
CA ASP A 170 -13.90 -21.12 -9.09
C ASP A 170 -13.32 -21.53 -10.44
N VAL A 171 -12.61 -20.63 -11.13
CA VAL A 171 -12.04 -21.04 -12.40
C VAL A 171 -10.65 -21.68 -12.20
N VAL A 172 -9.92 -21.26 -11.16
CA VAL A 172 -8.63 -21.87 -10.86
C VAL A 172 -8.83 -23.35 -10.53
N ARG A 173 -9.91 -23.66 -9.80
CA ARG A 173 -10.27 -25.05 -9.55
C ARG A 173 -10.61 -25.78 -10.84
N TYR A 174 -11.31 -25.11 -11.77
CA TYR A 174 -11.68 -25.74 -13.02
C TYR A 174 -10.45 -26.03 -13.88
N LEU A 175 -9.56 -25.06 -14.06
CA LEU A 175 -8.36 -25.29 -14.86
C LEU A 175 -7.51 -26.40 -14.25
N LEU A 176 -7.43 -26.44 -12.92
CA LEU A 176 -6.66 -27.48 -12.26
C LEU A 176 -7.30 -28.83 -12.48
N GLU A 177 -8.63 -28.90 -12.35
CA GLU A 177 -9.35 -30.13 -12.66
C GLU A 177 -9.15 -30.54 -14.11
N GLN A 178 -9.10 -29.56 -15.00
CA GLN A 178 -8.81 -29.79 -16.40
C GLN A 178 -7.32 -30.02 -16.64
N ARG A 179 -6.58 -30.32 -15.58
CA ARG A 179 -5.18 -30.72 -15.67
C ARG A 179 -4.31 -29.58 -16.21
N ALA A 180 -4.53 -28.37 -15.73
CA ALA A 180 -3.62 -27.27 -16.04
C ALA A 180 -2.36 -27.40 -15.19
N ASP A 181 -1.21 -27.26 -15.82
CA ASP A 181 0.07 -27.46 -15.13
C ASP A 181 0.28 -26.39 -14.07
N PRO A 182 0.22 -26.73 -12.78
CA PRO A 182 0.40 -25.73 -11.71
C PRO A 182 1.83 -25.25 -11.52
N ASN A 183 2.83 -25.84 -12.19
CA ASN A 183 4.22 -25.44 -12.02
C ASN A 183 4.73 -24.64 -13.21
N ALA A 184 3.85 -23.91 -13.89
CA ALA A 184 4.26 -23.02 -14.96
C ALA A 184 5.13 -21.90 -14.41
N LYS A 185 6.03 -21.40 -15.24
CA LYS A 185 6.95 -20.34 -14.81
C LYS A 185 6.97 -19.27 -15.89
N ALA A 186 6.64 -18.04 -15.48
CA ALA A 186 6.73 -16.93 -16.41
C ALA A 186 8.18 -16.53 -16.60
N HIS A 187 8.41 -15.53 -17.45
CA HIS A 187 9.75 -14.97 -17.58
C HIS A 187 10.21 -14.39 -16.25
N CYS A 188 9.27 -13.82 -15.49
CA CYS A 188 9.49 -13.36 -14.13
C CYS A 188 9.99 -14.51 -13.24
N GLY A 189 9.98 -15.74 -13.77
CA GLY A 189 10.22 -16.92 -12.97
C GLY A 189 9.12 -17.20 -11.97
N ALA A 190 7.90 -16.77 -12.26
CA ALA A 190 6.84 -16.82 -11.28
C ALA A 190 5.84 -17.92 -11.62
N THR A 191 5.23 -18.44 -10.56
CA THR A 191 4.23 -19.48 -10.64
C THR A 191 2.87 -18.91 -10.21
N ALA A 192 1.82 -19.62 -10.60
CA ALA A 192 0.48 -19.27 -10.16
C ALA A 192 0.41 -19.06 -8.65
N LEU A 193 1.21 -19.83 -7.90
CA LEU A 193 1.30 -19.65 -6.45
C LEU A 193 1.78 -18.24 -6.09
N HIS A 194 2.93 -17.83 -6.66
CA HIS A 194 3.45 -16.48 -6.42
C HIS A 194 2.39 -15.41 -6.66
N PHE A 195 1.71 -15.48 -7.80
CA PHE A 195 0.66 -14.50 -8.10
C PHE A 195 -0.39 -14.48 -7.00
N ALA A 196 -0.87 -15.66 -6.61
CA ALA A 196 -1.90 -15.75 -5.59
C ALA A 196 -1.36 -15.38 -4.21
N ALA A 197 -0.12 -15.76 -3.90
CA ALA A 197 0.47 -15.43 -2.60
C ALA A 197 0.53 -13.92 -2.40
N GLU A 198 1.16 -13.21 -3.34
CA GLU A 198 1.25 -11.75 -3.25
C GLU A 198 -0.13 -11.10 -3.18
N ALA A 199 -1.11 -11.67 -3.88
CA ALA A 199 -2.44 -11.08 -4.00
C ALA A 199 -3.35 -11.37 -2.83
N GLY A 200 -2.98 -12.31 -1.96
CA GLY A 200 -3.78 -12.62 -0.81
C GLY A 200 -5.00 -13.48 -1.06
N HIS A 201 -5.08 -14.16 -2.20
CA HIS A 201 -6.21 -15.03 -2.53
C HIS A 201 -6.05 -16.35 -1.78
N ILE A 202 -6.41 -16.32 -0.49
CA ILE A 202 -6.16 -17.44 0.41
C ILE A 202 -6.79 -18.74 -0.10
N ASP A 203 -7.95 -18.65 -0.75
CA ASP A 203 -8.60 -19.86 -1.25
C ASP A 203 -7.81 -20.46 -2.42
N ILE A 204 -7.42 -19.63 -3.39
CA ILE A 204 -6.67 -20.13 -4.55
C ILE A 204 -5.34 -20.74 -4.10
N VAL A 205 -4.67 -20.13 -3.12
CA VAL A 205 -3.43 -20.69 -2.61
C VAL A 205 -3.68 -22.10 -2.08
N LYS A 206 -4.78 -22.26 -1.33
CA LYS A 206 -5.16 -23.58 -0.84
C LYS A 206 -5.36 -24.59 -1.97
N GLU A 207 -6.05 -24.19 -3.05
CA GLU A 207 -6.26 -25.11 -4.16
C GLU A 207 -4.93 -25.48 -4.82
N LEU A 208 -4.06 -24.49 -5.04
CA LEU A 208 -2.75 -24.79 -5.60
C LEU A 208 -2.01 -25.76 -4.69
N ILE A 209 -2.12 -25.53 -3.37
CA ILE A 209 -1.60 -26.48 -2.38
C ILE A 209 -2.20 -27.87 -2.62
N LYS A 210 -3.54 -27.95 -2.69
CA LYS A 210 -4.21 -29.23 -2.90
C LYS A 210 -3.76 -29.97 -4.15
N TRP A 211 -3.15 -29.27 -5.10
CA TRP A 211 -2.74 -29.86 -6.38
C TRP A 211 -1.23 -29.99 -6.49
N ARG A 212 -0.60 -30.36 -5.37
CA ARG A 212 0.83 -30.63 -5.29
C ARG A 212 1.64 -29.64 -6.12
N ALA A 213 1.32 -28.36 -5.96
CA ALA A 213 2.09 -27.34 -6.65
C ALA A 213 3.46 -27.18 -6.00
N ALA A 214 4.47 -26.97 -6.82
CA ALA A 214 5.84 -26.90 -6.34
C ALA A 214 6.16 -25.50 -5.83
N ILE A 215 7.02 -25.47 -4.82
CA ILE A 215 7.57 -24.22 -4.30
C ILE A 215 8.74 -23.85 -5.19
N VAL A 216 8.57 -22.83 -6.02
CA VAL A 216 9.63 -22.35 -6.88
C VAL A 216 10.10 -21.04 -6.28
N VAL A 217 11.39 -20.75 -6.43
CA VAL A 217 11.90 -19.44 -6.07
C VAL A 217 11.81 -18.62 -7.35
N ASN A 218 11.08 -17.50 -7.29
CA ASN A 218 10.78 -16.80 -8.53
C ASN A 218 12.08 -16.34 -9.19
N GLY A 219 12.05 -16.24 -10.51
CA GLY A 219 13.26 -15.97 -11.27
C GLY A 219 14.08 -14.79 -10.80
N HIS A 220 13.53 -14.00 -9.87
CA HIS A 220 14.22 -12.84 -9.34
C HIS A 220 14.23 -12.83 -7.82
N GLY A 221 14.30 -14.02 -7.21
CA GLY A 221 14.83 -14.16 -5.86
C GLY A 221 13.93 -14.73 -4.77
N MET A 222 12.61 -14.85 -4.96
CA MET A 222 11.73 -15.09 -3.82
C MET A 222 10.87 -16.34 -3.99
N THR A 223 10.67 -17.07 -2.88
CA THR A 223 9.66 -18.11 -2.80
C THR A 223 8.28 -17.49 -2.64
N PRO A 224 7.21 -18.23 -2.92
CA PRO A 224 5.86 -17.68 -2.65
C PRO A 224 5.61 -17.36 -1.18
N LEU A 225 6.35 -17.98 -0.26
CA LEU A 225 6.27 -17.60 1.14
C LEU A 225 6.77 -16.18 1.35
N LYS A 226 7.97 -15.87 0.83
CA LYS A 226 8.52 -14.52 1.03
C LYS A 226 7.71 -13.49 0.27
N VAL A 227 7.16 -13.86 -0.89
CA VAL A 227 6.33 -12.94 -1.66
C VAL A 227 5.08 -12.56 -0.86
N ALA A 228 4.40 -13.56 -0.27
CA ALA A 228 3.21 -13.27 0.52
C ALA A 228 3.56 -12.51 1.80
N ALA A 229 4.73 -12.80 2.38
CA ALA A 229 5.18 -12.05 3.54
C ALA A 229 5.48 -10.61 3.17
N GLU A 230 6.20 -10.42 2.06
CA GLU A 230 6.52 -9.07 1.60
C GLU A 230 5.27 -8.31 1.18
N SER A 231 4.31 -9.00 0.57
CA SER A 231 3.03 -8.36 0.30
C SER A 231 2.16 -8.26 1.55
N CYS A 232 2.70 -8.67 2.70
CA CYS A 232 2.07 -8.47 4.01
C CYS A 232 0.75 -9.22 4.15
N LYS A 233 0.57 -10.28 3.37
CA LYS A 233 -0.63 -11.11 3.43
C LYS A 233 -0.39 -12.22 4.44
N ALA A 234 -0.68 -11.91 5.71
CA ALA A 234 -0.38 -12.83 6.81
C ALA A 234 -1.20 -14.11 6.73
N ASP A 235 -2.47 -14.02 6.33
CA ASP A 235 -3.30 -15.21 6.16
C ASP A 235 -2.60 -16.27 5.32
N VAL A 236 -2.14 -15.89 4.13
CA VAL A 236 -1.43 -16.80 3.24
C VAL A 236 -0.12 -17.28 3.87
N VAL A 237 0.54 -16.45 4.69
CA VAL A 237 1.80 -16.87 5.29
C VAL A 237 1.59 -17.98 6.31
N GLU A 238 0.54 -17.87 7.12
CA GLU A 238 0.28 -18.93 8.09
C GLU A 238 -0.11 -20.23 7.39
N LEU A 239 -1.01 -20.13 6.40
CA LEU A 239 -1.40 -21.32 5.63
C LEU A 239 -0.18 -21.97 5.00
N LEU A 240 0.70 -21.16 4.38
CA LEU A 240 1.86 -21.72 3.69
C LEU A 240 2.87 -22.31 4.69
N LEU A 241 2.98 -21.72 5.88
CA LEU A 241 3.93 -22.16 6.89
C LEU A 241 3.49 -23.43 7.61
N SER A 242 2.27 -23.91 7.35
CA SER A 242 1.79 -25.16 7.93
C SER A 242 2.06 -26.31 6.99
N HIS A 243 3.14 -26.18 6.21
CA HIS A 243 3.61 -27.12 5.21
C HIS A 243 5.12 -27.12 5.34
N ALA A 244 5.85 -27.44 4.28
CA ALA A 244 7.30 -27.44 4.39
C ALA A 244 7.85 -26.03 4.19
N ASP A 245 9.18 -25.93 4.13
CA ASP A 245 9.95 -24.71 3.97
C ASP A 245 11.43 -25.08 4.07
N CYS A 246 12.27 -24.18 4.59
CA CYS A 246 13.59 -24.60 5.00
C CYS A 246 13.48 -25.03 6.46
N ASP A 247 14.59 -25.37 7.10
CA ASP A 247 14.50 -25.77 8.50
C ASP A 247 14.01 -24.60 9.34
N ARG A 248 14.89 -23.64 9.61
CA ARG A 248 14.49 -22.38 10.21
C ARG A 248 14.78 -21.16 9.35
N ARG A 249 15.57 -21.28 8.29
CA ARG A 249 15.90 -20.14 7.46
C ARG A 249 14.67 -19.55 6.78
N SER A 250 14.11 -20.28 5.81
CA SER A 250 12.87 -19.85 5.15
C SER A 250 11.78 -19.47 6.14
N ARG A 251 11.74 -20.14 7.29
CA ARG A 251 10.64 -19.91 8.23
C ARG A 251 10.86 -18.63 9.02
N ILE A 252 12.07 -18.41 9.54
CA ILE A 252 12.34 -17.18 10.27
C ILE A 252 12.43 -16.00 9.32
N GLU A 253 12.82 -16.23 8.06
CA GLU A 253 12.83 -15.15 7.09
C GLU A 253 11.43 -14.62 6.84
N ALA A 254 10.49 -15.52 6.57
CA ALA A 254 9.10 -15.12 6.36
C ALA A 254 8.54 -14.34 7.53
N LEU A 255 8.74 -14.85 8.76
CA LEU A 255 8.26 -14.17 9.95
C LEU A 255 8.92 -12.80 10.12
N GLU A 256 10.25 -12.75 10.03
CA GLU A 256 10.94 -11.48 10.11
C GLU A 256 10.49 -10.54 9.00
N LEU A 257 10.44 -11.05 7.77
CA LEU A 257 10.00 -10.24 6.63
C LEU A 257 8.55 -9.80 6.80
N LEU A 258 7.67 -10.73 7.17
CA LEU A 258 6.25 -10.40 7.35
C LEU A 258 6.06 -9.28 8.37
N GLY A 259 6.68 -9.42 9.54
CA GLY A 259 6.63 -8.34 10.51
C GLY A 259 7.22 -7.05 9.95
N ALA A 260 8.27 -7.18 9.13
CA ALA A 260 8.91 -6.01 8.53
C ALA A 260 8.00 -5.31 7.53
N SER A 261 7.20 -6.08 6.78
CA SER A 261 6.27 -5.48 5.84
C SER A 261 5.13 -4.78 6.56
N PHE A 262 4.93 -5.06 7.83
CA PHE A 262 3.99 -4.31 8.64
C PHE A 262 4.50 -2.94 9.00
N ALA A 263 5.74 -2.62 8.63
CA ALA A 263 6.27 -1.27 8.77
C ALA A 263 6.07 -0.42 7.52
N ASN A 264 5.89 -1.05 6.36
CA ASN A 264 5.73 -0.35 5.09
C ASN A 264 4.26 -0.30 4.68
N ASP A 265 3.90 0.83 4.04
CA ASP A 265 2.61 1.23 3.47
C ASP A 265 1.33 0.82 4.20
N ARG A 266 0.27 1.60 4.00
CA ARG A 266 -0.98 1.36 4.71
C ARG A 266 -1.68 0.13 4.16
N GLU A 267 -0.95 -0.98 4.04
CA GLU A 267 -1.55 -2.26 3.69
C GLU A 267 -2.12 -2.94 4.91
N ASN A 268 -1.78 -2.41 6.08
CA ASN A 268 -2.23 -2.80 7.42
C ASN A 268 -1.18 -2.27 8.38
N TYR A 269 -0.52 -1.17 8.00
CA TYR A 269 0.59 -0.56 8.75
C TYR A 269 0.34 -0.65 10.26
N ASP A 270 0.63 -1.83 10.81
CA ASP A 270 0.39 -2.13 12.22
C ASP A 270 1.68 -2.63 12.87
N ILE A 271 2.19 -1.85 13.82
CA ILE A 271 3.41 -2.23 14.53
C ILE A 271 3.13 -3.27 15.60
N ILE A 272 1.88 -3.38 16.07
CA ILE A 272 1.56 -4.44 17.03
C ILE A 272 1.76 -5.80 16.38
N LYS A 273 1.27 -5.97 15.16
CA LYS A 273 1.59 -7.17 14.39
C LYS A 273 3.05 -7.20 13.94
N THR A 274 3.75 -6.07 13.94
CA THR A 274 5.19 -6.10 13.70
C THR A 274 5.90 -6.82 14.85
N TYR A 275 5.83 -6.24 16.05
CA TYR A 275 6.46 -6.85 17.22
C TYR A 275 6.05 -8.32 17.37
N HIS A 276 4.78 -8.64 17.10
CA HIS A 276 4.31 -10.01 17.27
C HIS A 276 5.11 -10.98 16.41
N TYR A 277 5.17 -10.72 15.10
CA TYR A 277 5.84 -11.65 14.19
C TYR A 277 7.35 -11.63 14.36
N LEU A 278 7.94 -10.45 14.55
CA LEU A 278 9.40 -10.37 14.67
C LEU A 278 9.88 -10.96 15.98
N TYR A 279 9.14 -10.77 17.07
CA TYR A 279 9.53 -11.41 18.33
C TYR A 279 9.41 -12.91 18.24
N LEU A 280 8.32 -13.41 17.61
CA LEU A 280 8.21 -14.83 17.30
C LEU A 280 9.45 -15.33 16.57
N ALA A 281 9.83 -14.63 15.51
CA ALA A 281 10.98 -15.04 14.72
C ALA A 281 12.23 -15.19 15.58
N MET A 282 12.52 -14.20 16.43
CA MET A 282 13.70 -14.28 17.31
C MET A 282 13.63 -15.49 18.23
N LEU A 283 12.44 -15.78 18.78
CA LEU A 283 12.30 -16.95 19.65
C LEU A 283 12.74 -18.22 18.93
N GLU A 284 12.29 -18.38 17.68
CA GLU A 284 12.69 -19.53 16.89
C GLU A 284 14.19 -19.53 16.58
N ARG A 285 14.90 -18.47 16.98
CA ARG A 285 16.34 -18.45 16.80
C ARG A 285 17.06 -18.76 18.11
N PHE A 286 16.43 -18.43 19.24
CA PHE A 286 16.99 -18.58 20.57
C PHE A 286 16.28 -19.74 21.28
N GLN A 287 16.68 -20.96 20.96
CA GLN A 287 16.11 -22.14 21.61
C GLN A 287 17.16 -22.93 22.38
N ASP A 288 18.36 -23.02 21.85
CA ASP A 288 19.44 -23.85 22.37
C ASP A 288 20.77 -23.14 22.16
N GLY A 289 21.85 -23.90 22.01
CA GLY A 289 23.15 -23.31 21.76
C GLY A 289 24.26 -24.03 22.49
N ILE A 292 21.60 -22.08 18.48
CA ILE A 292 21.12 -20.74 18.14
C ILE A 292 21.25 -20.47 16.65
N LEU A 293 20.43 -19.55 16.12
CA LEU A 293 20.54 -19.05 14.76
C LEU A 293 21.05 -17.62 14.79
N GLU A 294 22.30 -17.41 14.41
CA GLU A 294 22.92 -16.10 14.50
C GLU A 294 22.30 -15.11 13.52
N LYS A 295 22.23 -13.86 13.94
CA LYS A 295 21.73 -12.76 13.13
C LYS A 295 22.92 -12.04 12.52
N GLU A 296 22.94 -11.90 11.19
CA GLU A 296 23.99 -11.17 10.47
C GLU A 296 23.44 -9.76 10.26
N VAL A 297 23.76 -8.86 11.19
CA VAL A 297 23.16 -7.53 11.24
C VAL A 297 23.98 -6.51 10.46
N LEU A 298 23.28 -5.74 9.64
CA LEU A 298 23.89 -4.71 8.80
C LEU A 298 24.38 -3.54 9.66
N PRO A 299 25.37 -2.79 9.18
CA PRO A 299 25.94 -1.70 9.99
C PRO A 299 25.00 -0.52 10.13
N PRO A 300 25.15 0.26 11.20
CA PRO A 300 24.27 1.41 11.45
C PRO A 300 24.51 2.50 10.40
N ILE A 301 23.46 2.90 9.70
CA ILE A 301 23.62 3.76 8.53
C ILE A 301 22.81 5.04 8.65
N HIS A 302 23.33 6.10 8.01
CA HIS A 302 22.78 7.46 8.13
C HIS A 302 21.28 7.54 7.84
N ALA A 303 20.72 6.56 7.12
CA ALA A 303 19.34 6.66 6.63
C ALA A 303 18.35 6.41 7.76
N TYR A 304 18.13 5.14 8.11
CA TYR A 304 17.10 4.75 9.07
C TYR A 304 17.51 5.14 10.48
N GLY A 305 18.13 6.29 10.66
CA GLY A 305 18.61 6.62 11.98
C GLY A 305 19.83 5.74 12.21
N ASN A 306 20.69 6.07 13.14
CA ASN A 306 21.87 5.20 13.27
C ASN A 306 21.60 4.02 14.21
N ARG A 307 20.44 3.39 14.05
CA ARG A 307 20.04 2.22 14.80
C ARG A 307 20.63 0.95 14.17
N THR A 308 20.59 -0.14 14.94
CA THR A 308 20.97 -1.45 14.47
C THR A 308 19.92 -2.47 14.90
N GLU A 309 19.61 -3.40 13.99
CA GLU A 309 18.77 -4.55 14.29
C GLU A 309 19.01 -5.11 15.69
N CYS A 310 17.94 -5.49 16.36
CA CYS A 310 18.06 -6.22 17.62
C CYS A 310 18.64 -7.61 17.37
N ARG A 311 19.70 -7.94 18.11
CA ARG A 311 20.27 -9.27 18.02
C ARG A 311 19.66 -10.22 19.03
N ASN A 312 19.49 -9.78 20.28
CA ASN A 312 18.99 -10.61 21.35
C ASN A 312 17.51 -10.33 21.60
N PRO A 313 16.76 -11.36 21.98
CA PRO A 313 15.39 -11.16 22.45
C PRO A 313 15.27 -10.10 23.54
N GLN A 314 16.29 -9.96 24.39
CA GLN A 314 16.27 -8.91 25.41
C GLN A 314 16.30 -7.53 24.77
N GLU A 315 17.09 -7.36 23.71
CA GLU A 315 17.06 -6.11 22.97
C GLU A 315 15.69 -5.89 22.36
N LEU A 316 15.07 -6.95 21.83
CA LEU A 316 13.74 -6.78 21.28
C LEU A 316 12.66 -6.65 22.34
N GLU A 317 12.78 -7.35 23.48
CA GLU A 317 11.75 -7.21 24.53
C GLU A 317 11.66 -5.77 25.04
N SER A 318 12.70 -4.98 24.87
CA SER A 318 12.71 -3.61 25.35
C SER A 318 11.99 -2.65 24.41
N ILE A 319 11.29 -3.15 23.39
CA ILE A 319 10.67 -2.24 22.43
C ILE A 319 9.21 -2.55 22.14
N ARG A 320 8.55 -3.41 22.92
CA ARG A 320 7.11 -3.47 22.75
C ARG A 320 6.50 -2.12 23.10
N GLN A 321 7.24 -1.33 23.87
CA GLN A 321 6.99 0.06 24.18
C GLN A 321 7.90 0.87 23.26
N ASP A 322 7.72 2.19 23.25
CA ASP A 322 8.49 3.03 22.35
C ASP A 322 8.11 2.62 20.94
N ARG A 323 7.00 3.18 20.46
CA ARG A 323 6.48 2.86 19.13
C ARG A 323 7.51 3.15 18.03
N ASP A 324 8.06 4.37 18.02
CA ASP A 324 8.92 4.84 16.92
C ASP A 324 10.10 3.91 16.64
N ALA A 325 10.73 3.37 17.69
CA ALA A 325 11.87 2.48 17.47
C ALA A 325 11.44 1.23 16.70
N LEU A 326 10.22 0.75 16.95
CA LEU A 326 9.76 -0.45 16.27
C LEU A 326 9.62 -0.20 14.77
N HIS A 327 9.10 0.98 14.38
CA HIS A 327 9.00 1.34 12.96
C HIS A 327 10.35 1.27 12.25
N MET A 328 11.38 1.89 12.83
CA MET A 328 12.70 1.83 12.24
C MET A 328 13.22 0.41 12.14
N GLU A 329 12.85 -0.46 13.09
CA GLU A 329 13.31 -1.84 13.01
C GLU A 329 12.76 -2.51 11.76
N GLY A 330 11.49 -2.23 11.42
CA GLY A 330 10.91 -2.77 10.20
C GLY A 330 11.70 -2.40 8.96
N LEU A 331 12.07 -1.13 8.83
CA LEU A 331 12.87 -0.71 7.68
C LEU A 331 14.23 -1.41 7.68
N ILE A 332 14.88 -1.45 8.85
CA ILE A 332 16.22 -2.04 8.95
C ILE A 332 16.19 -3.49 8.50
N VAL A 333 15.30 -4.30 9.10
CA VAL A 333 15.20 -5.72 8.75
C VAL A 333 14.84 -5.90 7.28
N ARG A 334 13.88 -5.12 6.76
CA ARG A 334 13.53 -5.23 5.35
C ARG A 334 14.74 -4.98 4.44
N GLU A 335 15.76 -4.28 4.94
CA GLU A 335 16.97 -4.05 4.18
C GLU A 335 17.94 -5.22 4.28
N ARG A 336 17.90 -5.97 5.38
CA ARG A 336 18.75 -7.16 5.48
C ARG A 336 18.23 -8.27 4.59
N ILE A 337 16.90 -8.40 4.50
CA ILE A 337 16.30 -9.51 3.77
C ILE A 337 16.07 -9.18 2.30
N LEU A 338 16.23 -7.92 1.91
CA LEU A 338 15.93 -7.53 0.54
C LEU A 338 17.05 -6.67 -0.03
N GLY A 339 17.08 -5.39 0.33
CA GLY A 339 18.12 -4.50 -0.12
C GLY A 339 17.78 -3.79 -1.40
N GLY B 1 1.35 -5.31 60.05
CA GLY B 1 0.18 -4.92 59.29
C GLY B 1 0.44 -4.89 57.81
N HIS B 2 -0.59 -4.67 57.02
CA HIS B 2 -0.42 -4.78 55.57
C HIS B 2 -1.66 -4.18 54.88
N MET B 3 -1.63 -2.87 54.61
CA MET B 3 -2.71 -2.26 53.85
C MET B 3 -2.46 -2.49 52.36
N GLU B 4 -2.38 -3.78 52.01
CA GLU B 4 -1.97 -4.24 50.68
C GLU B 4 -2.99 -3.83 49.63
N GLY B 5 -3.83 -4.78 49.21
CA GLY B 5 -4.93 -4.48 48.31
C GLY B 5 -5.89 -3.47 48.87
N LEU B 6 -5.75 -3.13 50.15
CA LEU B 6 -6.66 -2.21 50.80
C LEU B 6 -6.48 -0.81 50.24
N ALA B 7 -5.26 -0.49 49.82
CA ALA B 7 -5.00 0.69 49.01
C ALA B 7 -5.59 0.52 47.62
N GLY B 8 -5.92 -0.70 47.22
CA GLY B 8 -6.54 -0.91 45.92
C GLY B 8 -7.95 -0.37 45.84
N TYR B 9 -8.76 -0.59 46.88
CA TYR B 9 -10.06 0.09 46.95
C TYR B 9 -9.88 1.60 46.83
N VAL B 10 -8.85 2.15 47.46
CA VAL B 10 -8.50 3.55 47.21
C VAL B 10 -8.14 3.73 45.75
N TYR B 11 -7.35 2.80 45.19
CA TYR B 11 -6.95 2.89 43.80
C TYR B 11 -8.14 2.65 42.88
N LYS B 12 -8.96 1.62 43.18
CA LYS B 12 -10.15 1.32 42.39
C LYS B 12 -11.07 2.53 42.31
N ALA B 13 -11.46 3.07 43.47
CA ALA B 13 -12.33 4.25 43.50
C ALA B 13 -11.76 5.38 42.68
N ALA B 14 -10.43 5.48 42.63
CA ALA B 14 -9.80 6.48 41.78
C ALA B 14 -10.04 6.17 40.31
N SER B 15 -9.95 4.90 39.93
CA SER B 15 -10.25 4.51 38.56
C SER B 15 -11.71 4.77 38.22
N GLU B 16 -12.63 4.45 39.14
CA GLU B 16 -14.05 4.64 38.86
C GLU B 16 -14.45 6.10 38.85
N GLY B 17 -13.63 7.00 39.40
CA GLY B 17 -13.91 8.43 39.40
C GLY B 17 -14.97 8.93 40.37
N LYS B 18 -15.75 8.04 40.98
CA LYS B 18 -16.75 8.46 41.96
C LYS B 18 -16.02 9.03 43.18
N VAL B 19 -16.00 10.36 43.27
CA VAL B 19 -15.10 11.07 44.17
C VAL B 19 -15.45 10.83 45.63
N LEU B 20 -16.73 10.95 45.99
CA LEU B 20 -17.12 10.77 47.38
C LEU B 20 -16.96 9.33 47.82
N THR B 21 -17.28 8.37 46.93
CA THR B 21 -16.98 6.98 47.22
C THR B 21 -15.54 6.84 47.67
N LEU B 22 -14.64 7.55 46.99
CA LEU B 22 -13.24 7.62 47.41
C LEU B 22 -13.09 8.39 48.71
N ALA B 23 -13.75 9.54 48.82
CA ALA B 23 -13.63 10.39 50.00
C ALA B 23 -13.87 9.60 51.28
N ALA B 24 -14.85 8.69 51.29
CA ALA B 24 -15.20 7.99 52.52
C ALA B 24 -14.11 7.04 52.99
N LEU B 25 -13.27 6.51 52.09
CA LEU B 25 -12.20 5.63 52.57
C LEU B 25 -11.13 6.40 53.31
N LEU B 26 -10.91 7.66 52.96
CA LEU B 26 -9.75 8.44 53.40
C LEU B 26 -10.04 9.36 54.56
N LEU B 27 -10.82 8.89 55.54
CA LEU B 27 -11.23 9.72 56.68
C LEU B 27 -10.18 9.74 57.78
N ASN B 28 -10.24 8.76 58.68
CA ASN B 28 -9.36 8.70 59.85
C ASN B 28 -7.94 8.26 59.47
N ARG B 29 -7.32 8.96 58.52
CA ARG B 29 -6.02 8.58 57.99
C ARG B 29 -4.86 9.38 58.58
N SER B 30 -3.79 8.68 58.93
CA SER B 30 -2.52 9.32 59.26
C SER B 30 -1.78 9.69 57.98
N GLU B 31 -0.79 10.56 58.11
CA GLU B 31 0.00 10.95 56.94
C GLU B 31 0.85 9.79 56.42
N SER B 32 1.30 8.89 57.30
CA SER B 32 1.86 7.62 56.85
C SER B 32 0.90 6.93 55.91
N ASP B 33 -0.36 6.80 56.33
CA ASP B 33 -1.37 6.13 55.53
C ASP B 33 -1.62 6.86 54.21
N ILE B 34 -1.94 8.17 54.26
CA ILE B 34 -2.45 8.84 53.05
C ILE B 34 -1.45 8.74 51.90
N ARG B 35 -0.17 9.02 52.15
CA ARG B 35 0.76 9.00 51.03
C ARG B 35 1.05 7.57 50.60
N TYR B 36 0.98 6.62 51.53
CA TYR B 36 1.10 5.21 51.17
C TYR B 36 -0.02 4.83 50.20
N LEU B 37 -1.28 5.05 50.60
CA LEU B 37 -2.40 4.72 49.73
C LEU B 37 -2.32 5.45 48.40
N LEU B 38 -1.78 6.67 48.40
CA LEU B 38 -1.65 7.45 47.18
C LEU B 38 -0.38 7.10 46.41
N GLY B 39 0.54 6.35 47.01
CA GLY B 39 1.76 5.93 46.36
C GLY B 39 1.88 4.44 46.06
N TYR B 40 0.79 3.69 46.14
CA TYR B 40 0.84 2.25 45.94
C TYR B 40 1.16 1.90 44.49
N VAL B 41 2.13 1.01 44.30
CA VAL B 41 2.47 0.54 42.96
C VAL B 41 1.52 -0.62 42.66
N SER B 42 0.44 -0.33 41.93
CA SER B 42 -0.58 -1.30 41.60
C SER B 42 -0.68 -1.41 40.09
N GLN B 43 -0.70 -2.64 39.58
CA GLN B 43 -0.89 -2.89 38.15
C GLN B 43 -2.30 -3.36 37.86
N GLN B 44 -3.04 -2.58 37.07
CA GLN B 44 -4.36 -2.99 36.61
C GLN B 44 -4.13 -3.96 35.46
N GLY B 45 -3.86 -5.21 35.83
CA GLY B 45 -3.48 -6.24 34.89
C GLY B 45 -2.09 -6.04 34.34
N GLY B 46 -1.96 -5.15 33.34
CA GLY B 46 -0.69 -4.88 32.72
C GLY B 46 -0.39 -3.40 32.64
N GLN B 47 -0.65 -2.69 33.74
CA GLN B 47 -0.51 -1.24 33.76
C GLN B 47 -0.21 -0.83 35.20
N ARG B 48 1.00 -0.35 35.45
CA ARG B 48 1.45 0.01 36.79
C ARG B 48 1.36 1.52 36.96
N SER B 49 0.52 1.96 37.89
CA SER B 49 0.24 3.38 38.08
C SER B 49 -0.10 3.64 39.56
N THR B 50 -0.43 4.89 39.85
CA THR B 50 -0.80 5.36 41.18
C THR B 50 -2.23 5.90 41.12
N PRO B 51 -2.95 5.95 42.24
CA PRO B 51 -4.34 6.46 42.23
C PRO B 51 -4.56 7.79 41.52
N LEU B 52 -3.67 8.76 41.69
CA LEU B 52 -3.82 10.03 40.97
C LEU B 52 -3.78 9.82 39.46
N ILE B 53 -2.74 9.13 38.96
CA ILE B 53 -2.55 8.98 37.51
C ILE B 53 -3.75 8.28 36.87
N ILE B 54 -4.13 7.10 37.40
CA ILE B 54 -5.24 6.38 36.80
C ILE B 54 -6.49 7.25 36.74
N ALA B 55 -6.69 8.08 37.77
CA ALA B 55 -7.79 9.02 37.74
C ALA B 55 -7.62 10.05 36.64
N ALA B 56 -6.38 10.48 36.38
CA ALA B 56 -6.12 11.44 35.32
C ALA B 56 -6.18 10.82 33.93
N ARG B 57 -5.81 9.55 33.80
CA ARG B 57 -5.88 8.92 32.47
C ARG B 57 -7.33 8.72 32.05
N ASN B 58 -8.23 8.54 33.01
CA ASN B 58 -9.63 8.31 32.72
C ASN B 58 -10.46 9.58 32.79
N GLY B 59 -9.81 10.74 32.84
CA GLY B 59 -10.51 12.01 32.74
C GLY B 59 -11.48 12.34 33.84
N HIS B 60 -11.38 11.63 34.98
CA HIS B 60 -12.31 11.88 36.07
C HIS B 60 -11.98 13.21 36.74
N ALA B 61 -12.57 14.29 36.23
CA ALA B 61 -12.30 15.61 36.78
C ALA B 61 -12.62 15.67 38.27
N LYS B 62 -13.76 15.10 38.66
CA LYS B 62 -14.21 15.19 40.05
C LYS B 62 -13.19 14.60 41.02
N VAL B 63 -12.75 13.36 40.79
CA VAL B 63 -11.80 12.76 41.73
C VAL B 63 -10.42 13.42 41.61
N VAL B 64 -10.07 13.89 40.40
CA VAL B 64 -8.77 14.53 40.22
C VAL B 64 -8.73 15.85 40.97
N ARG B 65 -9.88 16.52 41.12
CA ARG B 65 -9.91 17.75 41.90
C ARG B 65 -9.58 17.47 43.36
N LEU B 66 -10.27 16.50 43.97
CA LEU B 66 -10.02 16.20 45.38
C LEU B 66 -8.59 15.71 45.59
N LEU B 67 -8.01 15.04 44.59
CA LEU B 67 -6.69 14.43 44.76
C LEU B 67 -5.60 15.49 44.94
N LEU B 68 -5.70 16.60 44.22
CA LEU B 68 -4.68 17.64 44.31
C LEU B 68 -4.97 18.64 45.43
N GLU B 69 -6.25 18.94 45.67
CA GLU B 69 -6.65 19.98 46.62
C GLU B 69 -6.67 19.48 48.05
N HIS B 70 -7.69 18.68 48.39
CA HIS B 70 -7.87 18.19 49.75
C HIS B 70 -6.62 17.51 50.28
N TYR B 71 -6.13 16.51 49.56
CA TYR B 71 -5.05 15.66 50.04
C TYR B 71 -3.67 16.09 49.57
N ARG B 72 -3.59 17.03 48.62
CA ARG B 72 -2.34 17.70 48.25
C ARG B 72 -1.24 16.71 47.89
N VAL B 73 -1.47 15.98 46.80
CA VAL B 73 -0.54 14.98 46.30
C VAL B 73 0.27 15.57 45.16
N GLN B 74 1.58 15.30 45.16
CA GLN B 74 2.49 15.89 44.19
C GLN B 74 2.19 15.38 42.78
N THR B 75 2.43 16.24 41.80
CA THR B 75 2.34 15.83 40.40
C THR B 75 3.63 15.24 39.88
N GLN B 76 4.74 15.43 40.60
CA GLN B 76 6.01 14.76 40.30
C GLN B 76 5.81 13.25 40.24
N GLN B 77 4.92 12.77 39.37
CA GLN B 77 4.38 11.44 39.47
C GLN B 77 4.81 10.61 38.27
N THR B 78 5.22 9.37 38.51
CA THR B 78 5.67 8.49 37.44
C THR B 78 4.69 7.33 37.31
N GLY B 79 4.51 6.86 36.06
CA GLY B 79 3.64 5.74 35.83
C GLY B 79 3.92 5.10 34.49
N THR B 80 3.19 4.02 34.22
CA THR B 80 3.22 3.32 32.93
C THR B 80 1.78 3.07 32.49
N VAL B 81 1.36 3.72 31.40
CA VAL B 81 -0.03 3.64 30.95
C VAL B 81 -0.07 3.12 29.52
N ARG B 82 -1.20 2.54 29.15
CA ARG B 82 -1.42 1.96 27.82
C ARG B 82 -2.18 2.92 26.91
N PHE B 83 -1.78 2.96 25.64
CA PHE B 83 -2.46 3.73 24.60
C PHE B 83 -2.31 2.97 23.29
N ASP B 84 -3.35 3.06 22.45
CA ASP B 84 -3.35 2.49 21.11
C ASP B 84 -3.12 0.99 21.08
N GLY B 85 -3.08 0.34 22.25
CA GLY B 85 -2.63 -1.01 22.40
C GLY B 85 -1.20 -1.15 22.90
N TYR B 86 -0.33 -0.19 22.61
CA TYR B 86 1.02 -0.19 23.14
C TYR B 86 1.04 0.46 24.52
N VAL B 87 2.05 0.13 25.30
CA VAL B 87 2.20 0.63 26.66
C VAL B 87 3.39 1.58 26.71
N ILE B 88 3.21 2.69 27.41
CA ILE B 88 4.22 3.73 27.52
C ILE B 88 4.65 3.86 28.98
N ASP B 89 5.92 4.22 29.18
CA ASP B 89 6.50 4.40 30.50
C ASP B 89 6.98 5.83 30.70
N GLY B 90 7.00 6.25 31.96
CA GLY B 90 7.45 7.58 32.33
C GLY B 90 6.38 8.66 32.34
N ALA B 91 5.11 8.28 32.36
CA ALA B 91 4.01 9.23 32.22
C ALA B 91 3.59 9.83 33.56
N THR B 92 3.48 11.15 33.60
CA THR B 92 2.86 11.82 34.74
C THR B 92 1.34 11.75 34.61
N ALA B 93 0.67 12.02 35.73
CA ALA B 93 -0.77 12.26 35.68
C ALA B 93 -1.08 13.36 34.68
N LEU B 94 -0.19 14.35 34.58
CA LEU B 94 -0.29 15.36 33.53
C LEU B 94 -0.25 14.72 32.15
N TRP B 95 0.77 13.91 31.90
CA TRP B 95 1.01 13.40 30.56
C TRP B 95 -0.14 12.52 30.08
N CYS B 96 -0.55 11.53 30.89
CA CYS B 96 -1.66 10.66 30.50
C CYS B 96 -2.91 11.45 30.16
N ALA B 97 -3.20 12.48 30.95
CA ALA B 97 -4.38 13.28 30.70
C ALA B 97 -4.20 14.16 29.47
N ALA B 98 -2.97 14.59 29.21
CA ALA B 98 -2.69 15.37 28.01
C ALA B 98 -2.84 14.51 26.76
N GLY B 99 -2.23 13.33 26.75
CA GLY B 99 -2.31 12.47 25.59
C GLY B 99 -3.73 12.00 25.30
N ALA B 100 -4.50 11.73 26.36
CA ALA B 100 -5.87 11.25 26.19
C ALA B 100 -6.86 12.36 25.83
N GLY B 101 -6.45 13.62 25.88
CA GLY B 101 -7.31 14.72 25.50
C GLY B 101 -8.40 15.08 26.49
N HIS B 102 -8.09 15.01 27.79
CA HIS B 102 -9.02 15.37 28.86
C HIS B 102 -8.74 16.80 29.27
N PHE B 103 -9.41 17.75 28.60
CA PHE B 103 -9.07 19.17 28.72
C PHE B 103 -9.13 19.66 30.16
N GLU B 104 -10.24 19.38 30.86
CA GLU B 104 -10.37 19.84 32.24
C GLU B 104 -9.23 19.31 33.11
N VAL B 105 -8.88 18.04 32.92
CA VAL B 105 -7.75 17.47 33.67
C VAL B 105 -6.45 18.14 33.27
N VAL B 106 -6.30 18.50 31.99
CA VAL B 106 -5.08 19.16 31.53
C VAL B 106 -4.89 20.48 32.28
N LYS B 107 -5.92 21.33 32.29
CA LYS B 107 -5.85 22.57 33.04
C LYS B 107 -5.67 22.31 34.53
N LEU B 108 -6.49 21.42 35.09
CA LEU B 108 -6.42 21.07 36.51
C LEU B 108 -5.00 20.77 36.97
N LEU B 109 -4.24 19.99 36.19
CA LEU B 109 -2.92 19.56 36.66
C LEU B 109 -1.89 20.70 36.65
N VAL B 110 -1.86 21.51 35.59
CA VAL B 110 -0.97 22.67 35.63
C VAL B 110 -1.44 23.66 36.69
N SER B 111 -2.76 23.74 36.90
CA SER B 111 -3.32 24.68 37.87
C SER B 111 -2.78 24.47 39.27
N HIS B 112 -2.44 23.24 39.63
CA HIS B 112 -1.85 22.94 40.94
C HIS B 112 -0.37 22.59 40.84
N GLY B 113 0.32 23.07 39.80
CA GLY B 113 1.76 23.03 39.76
C GLY B 113 2.38 21.74 39.26
N ALA B 114 2.16 21.42 37.98
CA ALA B 114 2.72 20.22 37.38
C ALA B 114 3.72 20.62 36.31
N ASN B 115 4.82 19.85 36.21
CA ASN B 115 5.86 20.13 35.23
C ASN B 115 5.25 20.11 33.84
N VAL B 116 5.22 21.25 33.17
CA VAL B 116 4.50 21.33 31.90
C VAL B 116 5.27 20.71 30.75
N ASN B 117 6.58 20.53 30.90
CA ASN B 117 7.39 19.85 29.89
C ASN B 117 8.05 18.60 30.44
N HIS B 118 7.51 18.00 31.50
CA HIS B 118 8.03 16.71 31.93
C HIS B 118 7.92 15.71 30.78
N THR B 119 8.93 14.87 30.65
CA THR B 119 9.08 14.00 29.50
C THR B 119 8.95 12.54 29.91
N THR B 120 8.15 11.79 29.17
CA THR B 120 8.04 10.34 29.36
C THR B 120 9.39 9.69 29.08
N VAL B 121 9.48 8.37 29.25
CA VAL B 121 10.75 7.67 29.03
C VAL B 121 11.31 7.97 27.64
N THR B 122 10.45 8.19 26.65
CA THR B 122 10.89 8.53 25.30
C THR B 122 11.03 10.04 25.07
N ASN B 123 10.92 10.86 26.13
CA ASN B 123 11.07 12.32 26.03
C ASN B 123 9.98 12.97 25.16
N SER B 124 8.73 12.62 25.44
CA SER B 124 7.57 13.20 24.76
C SER B 124 6.91 14.19 25.70
N THR B 125 7.06 15.48 25.41
CA THR B 125 6.32 16.49 26.16
C THR B 125 4.83 16.17 26.10
N PRO B 126 4.06 16.57 27.12
CA PRO B 126 2.61 16.46 27.02
C PRO B 126 2.05 17.15 25.78
N LEU B 127 2.68 18.24 25.35
CA LEU B 127 2.28 18.88 24.11
C LEU B 127 2.59 18.00 22.90
N ARG B 128 3.74 17.31 22.91
CA ARG B 128 3.99 16.27 21.92
C ARG B 128 2.85 15.25 21.90
N ALA B 129 2.45 14.77 23.08
CA ALA B 129 1.29 13.90 23.18
C ALA B 129 0.08 14.55 22.52
N ALA B 130 -0.20 15.80 22.91
CA ALA B 130 -1.35 16.51 22.36
C ALA B 130 -1.23 16.70 20.86
N CYS B 131 -0.01 16.82 20.33
CA CYS B 131 0.17 16.98 18.89
C CYS B 131 0.11 15.68 18.07
N PHE B 132 0.28 14.51 18.69
CA PHE B 132 0.08 13.29 17.91
C PHE B 132 -1.39 13.11 17.53
N ASP B 133 -2.28 13.20 18.51
CA ASP B 133 -3.70 13.13 18.20
C ASP B 133 -4.25 14.49 17.73
N GLY B 134 -3.60 15.59 18.09
CA GLY B 134 -3.93 16.87 17.48
C GLY B 134 -5.05 17.70 18.06
N ARG B 135 -5.08 17.86 19.37
CA ARG B 135 -6.10 18.66 20.06
C ARG B 135 -5.59 20.09 20.19
N LEU B 136 -5.97 20.94 19.24
CA LEU B 136 -5.51 22.34 19.22
C LEU B 136 -5.78 23.05 20.53
N ASP B 137 -6.97 22.86 21.10
CA ASP B 137 -7.28 23.45 22.40
C ASP B 137 -6.20 23.11 23.45
N ILE B 138 -5.73 21.86 23.47
CA ILE B 138 -4.72 21.48 24.46
C ILE B 138 -3.40 22.19 24.18
N VAL B 139 -2.88 22.06 22.94
CA VAL B 139 -1.57 22.64 22.62
C VAL B 139 -1.58 24.16 22.78
N LYS B 140 -2.56 24.84 22.17
CA LYS B 140 -2.68 26.29 22.33
C LYS B 140 -2.74 26.68 23.80
N TYR B 141 -3.44 25.89 24.60
CA TYR B 141 -3.45 26.14 26.04
C TYR B 141 -2.07 25.86 26.64
N LEU B 142 -1.42 24.77 26.21
CA LEU B 142 -0.13 24.41 26.79
C LEU B 142 0.93 25.45 26.51
N VAL B 143 1.04 25.92 25.26
CA VAL B 143 1.99 26.98 24.96
C VAL B 143 1.69 28.22 25.80
N GLU B 144 0.41 28.49 26.06
CA GLU B 144 0.03 29.58 26.96
C GLU B 144 0.59 29.38 28.37
N ASN B 145 1.08 28.20 28.71
CA ASN B 145 1.70 27.94 30.00
C ASN B 145 3.17 27.58 29.85
N ASN B 146 3.86 28.26 28.95
CA ASN B 146 5.31 28.17 28.81
C ASN B 146 5.76 26.76 28.44
N ALA B 147 4.83 25.94 27.95
CA ALA B 147 5.18 24.63 27.44
C ALA B 147 6.11 24.76 26.25
N ASN B 148 7.26 24.10 26.33
CA ASN B 148 8.33 24.28 25.34
C ASN B 148 8.08 23.43 24.10
N ILE B 149 7.96 24.10 22.95
CA ILE B 149 7.82 23.42 21.67
C ILE B 149 9.15 22.86 21.17
N SER B 150 10.26 23.22 21.81
CA SER B 150 11.57 22.75 21.34
C SER B 150 11.92 21.35 21.81
N ILE B 151 11.30 20.84 22.87
CA ILE B 151 11.57 19.47 23.30
C ILE B 151 11.02 18.47 22.30
N ALA B 152 11.86 17.54 21.89
CA ALA B 152 11.52 16.45 20.99
C ALA B 152 11.76 15.12 21.67
N ASN B 153 11.33 14.04 21.02
CA ASN B 153 11.47 12.68 21.57
C ASN B 153 12.93 12.24 21.47
N LYS B 154 13.19 10.95 21.74
CA LYS B 154 14.56 10.45 21.73
C LYS B 154 15.25 10.59 20.38
N TYR B 155 14.49 10.73 19.30
CA TYR B 155 15.04 10.72 17.96
C TYR B 155 14.97 12.09 17.30
N ASP B 156 14.75 13.13 18.11
CA ASP B 156 14.62 14.51 17.63
C ASP B 156 13.38 14.68 16.75
N ASN B 157 12.31 13.98 17.08
CA ASN B 157 11.05 14.16 16.36
C ASN B 157 10.31 15.29 17.04
N THR B 158 10.19 16.41 16.34
CA THR B 158 9.64 17.60 16.95
C THR B 158 8.12 17.54 16.90
N CYS B 159 7.51 18.33 17.78
CA CYS B 159 6.05 18.39 17.83
C CYS B 159 5.45 18.81 16.50
N LEU B 160 6.16 19.65 15.75
CA LEU B 160 5.75 19.98 14.39
C LEU B 160 5.82 18.78 13.47
N MET B 161 6.84 17.92 13.65
CA MET B 161 6.97 16.73 12.82
C MET B 161 5.79 15.79 13.00
N ILE B 162 5.53 15.38 14.25
CA ILE B 162 4.40 14.49 14.54
C ILE B 162 3.11 15.06 14.00
N ALA B 163 3.01 16.40 13.93
CA ALA B 163 1.81 17.04 13.40
C ALA B 163 1.76 16.94 11.89
N ALA B 164 2.86 17.30 11.21
CA ALA B 164 2.91 17.16 9.76
C ALA B 164 2.76 15.71 9.32
N TYR B 165 3.18 14.75 10.15
CA TYR B 165 2.91 13.35 9.86
C TYR B 165 1.44 13.01 10.06
N LYS B 166 0.92 13.24 11.27
CA LYS B 166 -0.48 12.86 11.55
C LYS B 166 -1.50 13.78 10.86
N GLY B 167 -1.03 14.70 10.01
CA GLY B 167 -1.93 15.48 9.20
C GLY B 167 -2.67 16.57 9.92
N HIS B 168 -2.42 16.80 11.20
CA HIS B 168 -3.18 17.79 11.94
C HIS B 168 -2.80 19.17 11.44
N THR B 169 -3.27 19.50 10.23
CA THR B 169 -2.85 20.71 9.53
C THR B 169 -3.06 21.96 10.40
N ASP B 170 -4.20 22.06 11.09
CA ASP B 170 -4.47 23.24 11.89
C ASP B 170 -3.48 23.44 13.02
N VAL B 171 -2.79 22.37 13.46
CA VAL B 171 -1.82 22.53 14.54
C VAL B 171 -0.48 22.99 13.99
N VAL B 172 -0.15 22.59 12.75
CA VAL B 172 1.09 23.06 12.12
C VAL B 172 1.07 24.56 11.94
N ARG B 173 -0.11 25.12 11.61
CA ARG B 173 -0.23 26.57 11.55
C ARG B 173 0.05 27.20 12.90
N TYR B 174 -0.47 26.60 13.97
CA TYR B 174 -0.22 27.17 15.29
C TYR B 174 1.24 27.02 15.70
N LEU B 175 1.80 25.82 15.53
CA LEU B 175 3.18 25.58 15.92
C LEU B 175 4.13 26.49 15.15
N LEU B 176 3.84 26.73 13.87
CA LEU B 176 4.70 27.61 13.07
C LEU B 176 4.63 29.05 13.57
N GLU B 177 3.42 29.52 13.93
CA GLU B 177 3.28 30.87 14.48
C GLU B 177 4.14 31.08 15.70
N GLN B 178 4.25 30.08 16.56
CA GLN B 178 5.13 30.15 17.71
C GLN B 178 6.60 29.94 17.33
N ARG B 179 6.91 30.06 16.05
CA ARG B 179 8.29 30.06 15.55
C ARG B 179 8.99 28.73 15.84
N ALA B 180 8.28 27.62 15.63
CA ALA B 180 8.91 26.32 15.69
C ALA B 180 9.72 26.10 14.42
N ASP B 181 10.97 25.65 14.57
CA ASP B 181 11.94 25.52 13.49
C ASP B 181 11.50 24.48 12.46
N PRO B 182 11.12 24.89 11.25
CA PRO B 182 10.64 23.92 10.26
C PRO B 182 11.73 23.04 9.67
N ASN B 183 13.00 23.37 9.92
CA ASN B 183 14.17 22.63 9.45
C ASN B 183 14.86 21.91 10.60
N ALA B 184 14.07 21.30 11.49
CA ALA B 184 14.57 20.61 12.67
C ALA B 184 15.60 19.53 12.34
N LYS B 185 15.14 18.48 11.66
CA LYS B 185 15.89 17.27 11.31
C LYS B 185 15.82 16.25 12.44
N ALA B 186 15.19 15.11 12.19
CA ALA B 186 15.21 14.00 13.13
C ALA B 186 16.52 13.22 12.96
N HIS B 187 16.70 12.18 13.76
CA HIS B 187 17.79 11.24 13.53
C HIS B 187 17.64 10.58 12.17
N CYS B 188 16.40 10.36 11.74
CA CYS B 188 16.07 9.85 10.42
C CYS B 188 16.67 10.70 9.30
N GLY B 189 17.24 11.86 9.65
CA GLY B 189 17.65 12.85 8.67
C GLY B 189 16.50 13.52 7.93
N ALA B 190 15.31 13.52 8.50
CA ALA B 190 14.12 14.04 7.84
C ALA B 190 13.60 15.27 8.58
N THR B 191 12.93 16.14 7.84
CA THR B 191 12.26 17.30 8.40
C THR B 191 10.75 17.12 8.27
N ALA B 192 10.01 17.88 9.08
CA ALA B 192 8.55 17.87 9.01
C ALA B 192 8.05 18.02 7.58
N LEU B 193 8.80 18.75 6.74
CA LEU B 193 8.46 18.87 5.33
C LEU B 193 8.41 17.49 4.66
N HIS B 194 9.47 16.69 4.81
CA HIS B 194 9.46 15.33 4.28
C HIS B 194 8.23 14.55 4.75
N PHE B 195 7.96 14.58 6.05
CA PHE B 195 6.84 13.83 6.61
C PHE B 195 5.52 14.19 5.93
N ALA B 196 5.27 15.49 5.74
CA ALA B 196 4.04 15.91 5.08
C ALA B 196 4.03 15.45 3.62
N ALA B 197 5.19 15.46 2.97
CA ALA B 197 5.29 15.01 1.59
C ALA B 197 4.87 13.55 1.44
N GLU B 198 5.50 12.65 2.22
CA GLU B 198 5.19 11.23 2.11
C GLU B 198 3.72 10.95 2.35
N ALA B 199 3.10 11.67 3.29
CA ALA B 199 1.74 11.34 3.68
C ALA B 199 0.70 11.95 2.77
N GLY B 200 1.09 12.88 1.90
CA GLY B 200 0.11 13.48 1.01
C GLY B 200 -0.74 14.55 1.64
N HIS B 201 -0.35 15.06 2.81
CA HIS B 201 -1.10 16.14 3.46
C HIS B 201 -0.75 17.41 2.71
N ILE B 202 -1.36 17.57 1.54
CA ILE B 202 -1.04 18.67 0.64
C ILE B 202 -1.20 20.01 1.34
N ASP B 203 -2.12 20.08 2.31
CA ASP B 203 -2.38 21.32 3.02
C ASP B 203 -1.20 21.74 3.89
N ILE B 204 -0.67 20.81 4.69
CA ILE B 204 0.46 21.14 5.57
C ILE B 204 1.66 21.59 4.75
N VAL B 205 1.91 20.93 3.62
CA VAL B 205 3.04 21.30 2.78
C VAL B 205 2.91 22.75 2.32
N LYS B 206 1.70 23.16 1.92
CA LYS B 206 1.48 24.53 1.48
C LYS B 206 1.90 25.54 2.55
N GLU B 207 1.55 25.27 3.81
CA GLU B 207 1.91 26.19 4.89
C GLU B 207 3.42 26.27 5.10
N LEU B 208 4.12 25.12 5.05
CA LEU B 208 5.55 25.10 5.33
C LEU B 208 6.33 25.98 4.36
N ILE B 209 6.07 25.85 3.05
CA ILE B 209 6.71 26.75 2.07
C ILE B 209 6.41 28.21 2.43
N LYS B 210 5.14 28.52 2.68
CA LYS B 210 4.76 29.87 3.09
C LYS B 210 5.52 30.33 4.32
N TRP B 211 6.13 29.40 5.06
CA TRP B 211 6.87 29.69 6.28
C TRP B 211 8.37 29.47 6.10
N ARG B 212 8.91 29.87 4.95
CA ARG B 212 10.35 29.81 4.65
C ARG B 212 10.99 28.50 5.09
N ALA B 213 10.35 27.40 4.71
CA ALA B 213 10.90 26.07 4.95
C ALA B 213 12.03 25.75 3.98
N ALA B 214 13.08 25.09 4.47
CA ALA B 214 14.21 24.74 3.63
C ALA B 214 13.97 23.40 2.97
N ILE B 215 14.45 23.26 1.74
CA ILE B 215 14.44 21.97 1.04
C ILE B 215 15.69 21.23 1.46
N VAL B 216 15.53 20.25 2.34
CA VAL B 216 16.61 19.42 2.84
C VAL B 216 16.50 18.02 2.27
N VAL B 217 17.64 17.35 2.19
CA VAL B 217 17.70 15.98 1.69
C VAL B 217 17.56 15.00 2.86
N ASN B 218 16.61 14.07 2.73
CA ASN B 218 16.34 13.13 3.80
C ASN B 218 17.56 12.26 4.05
N GLY B 219 17.69 11.77 5.28
CA GLY B 219 18.81 10.95 5.68
C GLY B 219 19.03 9.74 4.78
N HIS B 220 18.11 9.59 3.82
CA HIS B 220 18.03 8.48 2.88
C HIS B 220 18.30 8.90 1.45
N GLY B 221 18.73 10.14 1.22
CA GLY B 221 19.25 10.51 -0.09
C GLY B 221 18.33 11.42 -0.85
N MET B 222 17.13 11.65 -0.32
CA MET B 222 15.99 12.12 -1.10
C MET B 222 15.50 13.45 -0.57
N THR B 223 15.17 14.35 -1.49
CA THR B 223 14.45 15.57 -1.17
C THR B 223 12.98 15.26 -0.92
N PRO B 224 12.25 16.18 -0.28
CA PRO B 224 10.80 15.96 -0.11
C PRO B 224 10.04 15.78 -1.41
N LEU B 225 10.57 16.23 -2.54
CA LEU B 225 9.96 15.91 -3.83
C LEU B 225 9.95 14.40 -4.06
N LYS B 226 11.12 13.78 -3.92
CA LYS B 226 11.25 12.35 -4.16
C LYS B 226 10.47 11.55 -3.13
N VAL B 227 10.34 12.09 -1.92
CA VAL B 227 9.52 11.45 -0.89
C VAL B 227 8.07 11.33 -1.36
N ALA B 228 7.51 12.44 -1.85
CA ALA B 228 6.13 12.42 -2.32
C ALA B 228 5.97 11.64 -3.61
N ALA B 229 6.98 11.68 -4.48
CA ALA B 229 6.90 10.93 -5.74
C ALA B 229 6.89 9.42 -5.49
N GLU B 230 7.83 8.94 -4.68
CA GLU B 230 7.87 7.52 -4.36
C GLU B 230 6.65 7.10 -3.55
N SER B 231 6.14 7.99 -2.69
CA SER B 231 4.90 7.77 -1.94
C SER B 231 3.64 8.03 -2.78
N CYS B 232 3.77 8.28 -4.08
CA CYS B 232 2.65 8.39 -5.01
C CYS B 232 1.72 9.57 -4.71
N LYS B 233 2.20 10.59 -3.99
CA LYS B 233 1.35 11.75 -3.71
C LYS B 233 1.56 12.79 -4.81
N ALA B 234 0.82 12.61 -5.90
CA ALA B 234 1.01 13.44 -7.09
C ALA B 234 0.61 14.88 -6.81
N ASP B 235 -0.47 15.08 -6.04
CA ASP B 235 -0.86 16.43 -5.63
C ASP B 235 0.30 17.17 -4.98
N VAL B 236 0.88 16.56 -3.93
CA VAL B 236 2.02 17.15 -3.26
C VAL B 236 3.22 17.23 -4.21
N VAL B 237 3.33 16.29 -5.15
CA VAL B 237 4.45 16.32 -6.10
C VAL B 237 4.29 17.51 -7.04
N GLU B 238 3.05 17.86 -7.39
CA GLU B 238 2.80 18.95 -8.31
C GLU B 238 3.33 20.28 -7.78
N LEU B 239 3.05 20.59 -6.52
CA LEU B 239 3.47 21.87 -5.95
C LEU B 239 4.97 22.07 -6.04
N LEU B 240 5.73 21.04 -5.65
CA LEU B 240 7.19 21.17 -5.53
C LEU B 240 7.87 21.30 -6.87
N LEU B 241 7.28 20.75 -7.94
CA LEU B 241 7.97 20.80 -9.22
C LEU B 241 7.94 22.19 -9.86
N SER B 242 7.16 23.12 -9.29
CA SER B 242 7.15 24.51 -9.75
C SER B 242 7.86 25.44 -8.76
N HIS B 243 8.83 24.95 -8.01
CA HIS B 243 9.47 25.78 -7.00
C HIS B 243 10.96 25.55 -7.00
N ALA B 244 11.69 26.52 -6.41
CA ALA B 244 13.14 26.58 -6.27
C ALA B 244 13.84 25.29 -6.66
N ASP B 245 13.80 24.97 -7.95
CA ASP B 245 14.33 23.71 -8.46
C ASP B 245 15.84 23.86 -8.66
N CYS B 246 16.41 23.20 -9.66
CA CYS B 246 17.80 23.44 -10.04
C CYS B 246 17.91 24.52 -11.12
N ASP B 247 19.15 24.76 -11.57
CA ASP B 247 19.41 25.69 -12.66
C ASP B 247 18.79 25.19 -13.96
N ARG B 248 18.80 23.88 -14.16
CA ARG B 248 18.11 23.27 -15.29
C ARG B 248 16.90 22.51 -14.76
N ARG B 249 16.85 21.20 -14.99
CA ARG B 249 15.69 20.48 -14.51
C ARG B 249 15.96 19.00 -14.27
N SER B 250 17.22 18.62 -13.97
CA SER B 250 17.60 17.25 -13.60
C SER B 250 16.73 16.66 -12.49
N ARG B 251 15.59 17.28 -12.22
CA ARG B 251 14.58 16.77 -11.32
C ARG B 251 13.48 16.07 -12.10
N ILE B 252 13.85 15.63 -13.32
CA ILE B 252 13.02 14.85 -14.23
C ILE B 252 12.87 13.40 -13.77
N GLU B 253 13.85 12.87 -13.03
CA GLU B 253 13.72 11.54 -12.44
C GLU B 253 12.59 11.51 -11.42
N ALA B 254 12.50 12.55 -10.58
CA ALA B 254 11.37 12.63 -9.65
C ALA B 254 10.06 12.39 -10.39
N LEU B 255 9.95 12.95 -11.60
CA LEU B 255 8.81 12.65 -12.47
C LEU B 255 8.79 11.18 -12.83
N GLU B 256 9.92 10.63 -13.28
CA GLU B 256 9.99 9.19 -13.58
C GLU B 256 9.61 8.38 -12.35
N LEU B 257 10.12 8.78 -11.18
CA LEU B 257 9.85 8.06 -9.95
C LEU B 257 8.36 8.01 -9.63
N LEU B 258 7.66 9.14 -9.72
CA LEU B 258 6.23 9.16 -9.43
C LEU B 258 5.47 8.19 -10.33
N GLY B 259 5.71 8.27 -11.64
CA GLY B 259 5.06 7.32 -12.54
C GLY B 259 5.43 5.88 -12.23
N ALA B 260 6.70 5.65 -11.87
CA ALA B 260 7.12 4.29 -11.55
C ALA B 260 6.49 3.81 -10.25
N SER B 261 6.27 4.71 -9.30
CA SER B 261 5.59 4.33 -8.07
C SER B 261 4.10 4.10 -8.28
N PHE B 262 3.52 4.59 -9.39
CA PHE B 262 2.14 4.25 -9.70
C PHE B 262 2.00 2.84 -10.27
N ALA B 263 3.10 2.17 -10.57
CA ALA B 263 3.09 0.78 -10.99
C ALA B 263 3.36 -0.18 -9.84
N ASN B 264 3.96 0.29 -8.74
CA ASN B 264 4.39 -0.60 -7.66
C ASN B 264 3.38 -0.71 -6.52
N ASP B 265 3.08 0.40 -5.85
CA ASP B 265 2.14 0.39 -4.73
C ASP B 265 0.89 -0.40 -5.07
N ARG B 266 0.65 -1.47 -4.31
CA ARG B 266 -0.42 -2.41 -4.66
C ARG B 266 -1.81 -1.84 -4.43
N GLU B 267 -1.97 -0.97 -3.43
CA GLU B 267 -3.27 -0.37 -3.19
C GLU B 267 -3.54 0.92 -3.97
N ASN B 268 -2.50 1.59 -4.47
CA ASN B 268 -2.66 2.81 -5.26
C ASN B 268 -2.50 2.59 -6.76
N TYR B 269 -1.95 1.45 -7.15
CA TYR B 269 -1.57 1.10 -8.52
C TYR B 269 -2.49 1.55 -9.65
N ASP B 270 -2.03 2.49 -10.47
CA ASP B 270 -2.68 2.83 -11.74
C ASP B 270 -1.59 2.79 -12.80
N ILE B 271 -1.69 1.82 -13.71
CA ILE B 271 -0.65 1.68 -14.72
C ILE B 271 -0.82 2.67 -15.88
N ILE B 272 -2.04 3.16 -16.14
CA ILE B 272 -2.21 4.21 -17.14
C ILE B 272 -1.59 5.52 -16.67
N LYS B 273 -1.72 5.85 -15.39
CA LYS B 273 -1.04 7.01 -14.82
C LYS B 273 0.48 6.83 -14.81
N THR B 274 0.99 5.61 -14.94
CA THR B 274 2.44 5.42 -15.06
C THR B 274 2.97 5.98 -16.38
N TYR B 275 2.55 5.40 -17.50
CA TYR B 275 3.02 5.84 -18.83
C TYR B 275 2.90 7.34 -19.00
N HIS B 276 1.82 7.92 -18.45
CA HIS B 276 1.61 9.37 -18.55
C HIS B 276 2.79 10.13 -17.98
N TYR B 277 3.19 9.80 -16.76
CA TYR B 277 4.29 10.50 -16.12
C TYR B 277 5.64 10.15 -16.77
N LEU B 278 5.80 8.88 -17.15
CA LEU B 278 7.06 8.44 -17.75
C LEU B 278 7.25 9.04 -19.13
N TYR B 279 6.17 9.25 -19.89
CA TYR B 279 6.31 9.85 -21.21
C TYR B 279 6.79 11.30 -21.10
N LEU B 280 6.24 12.08 -20.16
CA LEU B 280 6.79 13.40 -19.85
C LEU B 280 8.29 13.34 -19.61
N ALA B 281 8.73 12.43 -18.74
CA ALA B 281 10.13 12.28 -18.42
C ALA B 281 10.99 12.08 -19.67
N MET B 282 10.53 11.22 -20.57
CA MET B 282 11.30 10.91 -21.77
C MET B 282 11.62 12.18 -22.55
N LEU B 283 10.64 13.07 -22.67
CA LEU B 283 10.72 14.37 -23.33
C LEU B 283 11.71 15.35 -22.71
N GLU B 284 11.22 16.58 -22.50
CA GLU B 284 11.90 17.68 -21.82
C GLU B 284 13.09 18.28 -22.57
N ARG B 285 13.55 17.63 -23.64
CA ARG B 285 14.79 18.08 -24.24
C ARG B 285 14.78 18.32 -25.75
N PHE B 286 13.86 17.75 -26.53
CA PHE B 286 13.98 17.90 -27.99
C PHE B 286 13.01 19.00 -28.44
N GLN B 287 13.48 20.25 -28.30
CA GLN B 287 12.71 21.44 -28.66
C GLN B 287 13.31 22.27 -29.80
N ASP B 288 14.34 21.82 -30.49
CA ASP B 288 15.01 22.69 -31.46
C ASP B 288 15.26 21.94 -32.75
N GLY B 289 16.21 22.40 -33.54
CA GLY B 289 16.53 21.73 -34.78
C GLY B 289 15.87 22.40 -35.97
N ILE B 292 19.37 21.22 -30.41
CA ILE B 292 18.72 20.50 -29.32
C ILE B 292 19.48 20.65 -28.01
N LEU B 293 18.76 20.43 -26.91
CA LEU B 293 19.34 20.29 -25.58
C LEU B 293 19.33 18.79 -25.32
N GLU B 294 20.52 18.20 -25.27
CA GLU B 294 20.67 16.75 -25.30
C GLU B 294 20.01 16.08 -24.09
N LYS B 295 19.46 14.89 -24.30
CA LYS B 295 18.83 14.10 -23.24
C LYS B 295 19.79 13.04 -22.70
N GLU B 296 20.10 13.11 -21.41
CA GLU B 296 20.76 12.00 -20.72
C GLU B 296 19.85 11.43 -19.64
N VAL B 297 19.02 10.46 -20.00
CA VAL B 297 18.35 9.64 -19.01
C VAL B 297 19.22 8.40 -18.84
N LEU B 298 19.46 8.02 -17.59
CA LEU B 298 20.52 7.07 -17.28
C LEU B 298 20.26 5.72 -17.95
N PRO B 299 21.31 5.02 -18.36
CA PRO B 299 21.14 3.73 -19.06
C PRO B 299 20.74 2.62 -18.10
N PRO B 300 19.97 1.63 -18.58
CA PRO B 300 19.53 0.53 -17.72
C PRO B 300 20.61 -0.51 -17.41
N ILE B 301 20.20 -1.71 -17.00
CA ILE B 301 21.12 -2.72 -16.48
C ILE B 301 21.08 -4.05 -17.22
N HIS B 302 20.08 -4.89 -16.95
CA HIS B 302 20.18 -6.24 -17.52
C HIS B 302 18.94 -7.13 -17.57
N ALA B 303 18.47 -7.62 -16.41
CA ALA B 303 17.67 -8.85 -16.40
C ALA B 303 16.23 -8.76 -16.89
N TYR B 304 15.49 -9.88 -16.71
CA TYR B 304 14.24 -10.14 -17.42
C TYR B 304 14.50 -9.87 -18.89
N GLY B 305 13.87 -8.83 -19.40
CA GLY B 305 14.23 -8.25 -20.68
C GLY B 305 14.90 -6.94 -20.32
N ASN B 306 15.83 -6.49 -21.14
CA ASN B 306 16.55 -5.26 -20.83
C ASN B 306 15.84 -4.04 -21.38
N ARG B 307 14.52 -3.98 -21.23
CA ARG B 307 13.74 -2.83 -21.63
C ARG B 307 14.45 -1.55 -21.20
N THR B 308 15.29 -1.02 -22.08
CA THR B 308 15.89 0.29 -21.82
C THR B 308 14.82 1.27 -21.40
N GLU B 309 15.15 2.13 -20.44
CA GLU B 309 14.30 3.27 -20.09
C GLU B 309 13.71 3.95 -21.33
N CYS B 310 14.14 3.50 -22.51
CA CYS B 310 13.65 3.83 -23.83
C CYS B 310 14.32 5.13 -24.22
N ARG B 311 14.93 5.18 -25.40
CA ARG B 311 15.62 6.41 -25.78
C ARG B 311 14.68 7.39 -26.47
N ASN B 312 13.93 6.94 -27.39
CA ASN B 312 13.08 7.90 -28.09
C ASN B 312 11.67 7.83 -27.54
N PRO B 313 10.94 8.96 -27.55
CA PRO B 313 9.52 8.89 -27.21
C PRO B 313 8.78 7.81 -27.98
N GLN B 314 9.20 7.55 -29.23
CA GLN B 314 8.62 6.47 -30.01
C GLN B 314 8.98 5.11 -29.43
N GLU B 315 10.21 4.96 -28.92
CA GLU B 315 10.61 3.68 -28.34
C GLU B 315 9.75 3.31 -27.15
N LEU B 316 9.46 4.27 -26.26
CA LEU B 316 8.54 3.95 -25.17
C LEU B 316 7.10 3.90 -25.65
N GLU B 317 6.76 4.72 -26.66
CA GLU B 317 5.42 4.73 -27.26
C GLU B 317 5.02 3.39 -27.83
N SER B 318 5.94 2.43 -27.92
CA SER B 318 5.61 1.14 -28.51
C SER B 318 4.85 0.25 -27.52
N ILE B 319 5.26 0.25 -26.26
CA ILE B 319 4.69 -0.67 -25.27
C ILE B 319 3.59 0.04 -24.50
N ARG B 320 3.10 1.15 -25.04
CA ARG B 320 1.98 1.83 -24.39
C ARG B 320 0.72 0.97 -24.32
N GLN B 321 0.57 -0.04 -25.18
CA GLN B 321 -0.62 -0.90 -25.18
C GLN B 321 -0.41 -2.27 -24.57
N ASP B 322 0.79 -2.59 -24.08
CA ASP B 322 1.08 -3.91 -23.54
C ASP B 322 1.34 -3.74 -22.04
N ARG B 323 0.25 -3.77 -21.27
CA ARG B 323 0.30 -3.49 -19.83
C ARG B 323 1.32 -4.36 -19.10
N ASP B 324 1.16 -5.68 -19.15
CA ASP B 324 2.12 -6.53 -18.44
C ASP B 324 3.54 -6.28 -18.92
N ALA B 325 3.73 -5.98 -20.21
CA ALA B 325 5.04 -5.52 -20.66
C ALA B 325 5.36 -4.15 -20.06
N LEU B 326 4.38 -3.25 -20.02
CA LEU B 326 4.58 -1.92 -19.44
C LEU B 326 4.73 -1.97 -17.93
N HIS B 327 4.02 -2.89 -17.28
CA HIS B 327 4.15 -3.07 -15.83
C HIS B 327 5.61 -3.18 -15.40
N MET B 328 6.39 -3.97 -16.15
CA MET B 328 7.81 -4.13 -15.84
C MET B 328 8.56 -2.80 -15.87
N GLU B 329 8.09 -1.85 -16.69
CA GLU B 329 8.76 -0.54 -16.75
C GLU B 329 8.81 0.09 -15.37
N GLY B 330 7.77 -0.11 -14.57
CA GLY B 330 7.77 0.37 -13.20
C GLY B 330 8.94 -0.17 -12.38
N LEU B 331 9.17 -1.48 -12.43
CA LEU B 331 10.29 -2.05 -11.69
C LEU B 331 11.63 -1.51 -12.20
N ILE B 332 11.84 -1.54 -13.51
CA ILE B 332 13.12 -1.11 -14.07
C ILE B 332 13.42 0.33 -13.69
N VAL B 333 12.48 1.25 -13.95
CA VAL B 333 12.70 2.65 -13.61
C VAL B 333 12.93 2.80 -12.11
N ARG B 334 12.06 2.21 -11.29
CA ARG B 334 12.24 2.26 -9.85
C ARG B 334 13.53 1.59 -9.38
N GLU B 335 14.14 0.71 -10.19
CA GLU B 335 15.37 0.09 -9.73
C GLU B 335 16.58 1.01 -9.90
N ARG B 336 16.54 1.94 -10.86
CA ARG B 336 17.60 2.92 -10.97
C ARG B 336 17.50 3.98 -9.88
N ILE B 337 16.28 4.40 -9.52
CA ILE B 337 16.10 5.53 -8.61
C ILE B 337 16.11 5.11 -7.15
N LEU B 338 16.08 3.81 -6.86
CA LEU B 338 16.08 3.30 -5.48
C LEU B 338 17.12 2.20 -5.34
C2 A1CMX C . -6.11 -9.84 -22.08
C7 A1CMX C . -4.01 -11.36 -19.77
C6 A1CMX C . -2.88 -9.18 -20.22
C5 A1CMX C . -3.25 -10.77 -22.07
C4 A1CMX C . -3.85 -10.22 -20.78
O1 A1CMX C . -5.86 -10.50 -23.08
C8 A1CMX C . -5.84 -8.78 -20.02
C12 A1CMX C . -10.67 -7.15 -19.86
C11 A1CMX C . -9.49 -7.78 -20.56
C10 A1CMX C . -8.26 -7.83 -19.91
C9 A1CMX C . -7.20 -8.51 -20.52
C15 A1CMX C . -9.66 -8.42 -21.79
C16 A1CMX C . -8.59 -9.10 -22.39
C17 A1CMX C . -7.38 -9.13 -21.74
N3 A1CMX C . -5.22 -9.60 -21.01
O13 A1CMX C . -10.56 -6.90 -18.62
O14 A1CMX C . -11.69 -6.90 -20.54
O18 A1CMX C . -5.33 -8.42 -18.98
C2 A1CMX D . 3.10 9.02 22.96
C7 A1CMX D . 5.28 11.23 21.36
C6 A1CMX D . 5.41 9.17 19.98
C5 A1CMX D . 6.04 9.07 22.35
C4 A1CMX D . 5.07 9.73 21.37
O1 A1CMX D . 3.74 8.79 23.97
C8 A1CMX D . 2.59 9.65 20.79
C12 A1CMX D . -2.45 8.97 21.43
C11 A1CMX D . -1.02 9.00 21.91
C10 A1CMX D . 0.02 9.37 21.04
C9 A1CMX D . 1.31 9.34 21.49
C15 A1CMX D . -0.70 8.60 23.21
C16 A1CMX D . 0.60 8.58 23.65
C17 A1CMX D . 1.64 8.95 22.77
N3 A1CMX D . 3.62 9.44 21.71
O13 A1CMX D . -2.69 9.51 20.31
O14 A1CMX D . -3.30 8.44 22.15
O18 A1CMX D . 2.74 10.05 19.64
#